data_7AA3
#
_entry.id   7AA3
#
_cell.length_a   1.00
_cell.length_b   1.00
_cell.length_c   1.00
_cell.angle_alpha   90.00
_cell.angle_beta   90.00
_cell.angle_gamma   90.00
#
_symmetry.space_group_name_H-M   'P 1'
#
_entity_poly.entity_id   1
_entity_poly.type   'polypeptide(L)'
_entity_poly.pdbx_seq_one_letter_code
;MPEQHPPITETTTGAASNGCPVVGHMKYPVEGGGNQDWWPNRLNLKVLHQNPAVADPMGAAFDYAAEVATIDVDALTRDI
EEVMTTSQPWWPADYGHYGPLFIRMAWHAAGTYRIHDGRGGAGGGMQRFAPLNSWPDNASLDKARRLLWPVKKKYGKKLS
WADLIVFAGNCALESMGFKTFGFGFGRVDQWEPDEVYWGKEATWLGDERYSGKRDLENPLAAVQMGLIYVNPEGPNGNPD
PMAAAVDIRETFRRMAMNDVETAALIVGGHTFGKPHGAGPADLVGPEPEAAPLEQMGLGWKSSYGTGTGKDAITSGIEVV
WTNTPTKWDNSFLEILYGYEWELTKSPAGAWQYTAKDGAGAGTIPDPFGGPGRSPTMLATDLSLRVDPIYERITRRWLEH
PEELADEFAKAWYKLIHRDMGPVARYLGPLVPKQTLLWQDPVPAVSHDLVGEAEIASLKSQIRASGLTVSQLVSTAWAAA
SSFRGSDKRGGANGGRIRLQPQVGWEVNDPDGDLRKVIRTLEEIQESFNSAAPGNIKVSFADLVVLGGCAAIEKAAKAAG
HNITVPFTPGRTDASQEQTDVESFAVLEPKADGFRNYLGKGNPLPAEYMLLDKANLLTLSAPEMTVLVGGLRVLGANYKR
LPLGVFTEASESLTNDFFVNLLDMGITWEPSPADDGTYQGKDGSGKVKWTGSRVDLVFGSNSELRALVEVYGADDAQPKF
VQDFVAAWDKVMNLDRFDVR
;
_entity_poly.pdbx_strand_id   A,B
#
# COMPACT_ATOMS: atom_id res chain seq x y z
N ARG A 42 -3.49 3.96 -18.18
CA ARG A 42 -4.41 5.06 -17.95
C ARG A 42 -4.12 5.73 -16.61
N LEU A 43 -5.09 5.69 -15.69
CA LEU A 43 -4.91 6.29 -14.39
C LEU A 43 -3.91 5.50 -13.56
N ASN A 44 -3.36 6.17 -12.54
CA ASN A 44 -2.37 5.58 -11.64
C ASN A 44 -2.99 5.55 -10.25
N LEU A 45 -3.70 4.46 -9.93
CA LEU A 45 -4.34 4.34 -8.62
C LEU A 45 -3.33 4.16 -7.49
N LYS A 46 -2.06 3.93 -7.80
CA LYS A 46 -1.07 3.76 -6.74
C LYS A 46 -0.83 5.04 -5.95
N VAL A 47 -1.19 6.20 -6.51
CA VAL A 47 -0.98 7.45 -5.80
C VAL A 47 -1.95 7.59 -4.62
N LEU A 48 -3.09 6.90 -4.65
CA LEU A 48 -4.08 7.08 -3.60
C LEU A 48 -3.65 6.41 -2.31
N HIS A 49 -3.10 5.19 -2.39
CA HIS A 49 -2.73 4.43 -1.21
C HIS A 49 -1.24 4.58 -0.86
N GLN A 50 -0.67 5.75 -1.13
CA GLN A 50 0.72 6.01 -0.77
C GLN A 50 0.90 5.91 0.74
N ASN A 51 2.05 5.37 1.15
CA ASN A 51 2.40 5.16 2.55
C ASN A 51 1.37 4.28 3.25
N PRO A 52 1.28 2.99 2.91
CA PRO A 52 0.40 2.09 3.65
C PRO A 52 1.04 1.65 4.95
N ALA A 53 0.19 1.14 5.85
CA ALA A 53 0.68 0.65 7.13
C ALA A 53 1.51 -0.62 7.00
N VAL A 54 1.47 -1.27 5.84
CA VAL A 54 2.27 -2.49 5.65
C VAL A 54 3.76 -2.14 5.61
N ALA A 55 4.12 -1.02 5.00
CA ALA A 55 5.51 -0.59 4.92
C ALA A 55 5.93 0.22 6.13
N ASP A 56 5.07 0.36 7.13
CA ASP A 56 5.41 1.09 8.34
C ASP A 56 5.96 0.13 9.37
N PRO A 57 7.24 0.19 9.72
CA PRO A 57 7.80 -0.75 10.70
C PRO A 57 7.37 -0.46 12.12
N MET A 58 6.72 0.67 12.38
CA MET A 58 6.41 1.06 13.74
C MET A 58 5.05 0.54 14.21
N GLY A 59 4.29 -0.11 13.33
CA GLY A 59 3.00 -0.65 13.70
C GLY A 59 1.88 0.37 13.62
N ALA A 60 0.65 -0.15 13.67
CA ALA A 60 -0.53 0.69 13.66
C ALA A 60 -0.82 1.32 15.00
N ALA A 61 -0.22 0.83 16.08
CA ALA A 61 -0.40 1.39 17.42
C ALA A 61 0.61 2.50 17.72
N PHE A 62 1.11 3.16 16.70
CA PHE A 62 2.13 4.20 16.84
C PHE A 62 1.52 5.56 16.54
N ASP A 63 1.65 6.48 17.49
CA ASP A 63 1.22 7.86 17.31
C ASP A 63 2.41 8.77 17.64
N TYR A 64 2.77 9.62 16.69
CA TYR A 64 3.88 10.54 16.92
C TYR A 64 3.40 11.84 17.55
N ALA A 65 2.61 11.71 18.61
CA ALA A 65 2.20 12.84 19.40
C ALA A 65 2.22 12.56 20.90
N ALA A 66 2.52 11.34 21.30
CA ALA A 66 2.65 11.00 22.71
C ALA A 66 4.07 10.68 23.12
N GLU A 67 5.01 10.64 22.17
CA GLU A 67 6.41 10.38 22.45
C GLU A 67 7.28 11.62 22.35
N VAL A 68 7.18 12.37 21.25
CA VAL A 68 8.01 13.54 21.06
C VAL A 68 7.74 14.62 22.11
N ALA A 69 6.70 14.43 22.93
CA ALA A 69 6.46 15.34 24.04
C ALA A 69 7.34 15.05 25.25
N THR A 70 7.97 13.88 25.32
CA THR A 70 8.89 13.57 26.40
C THR A 70 10.34 13.84 26.05
N ILE A 71 10.60 14.35 24.85
CA ILE A 71 11.97 14.71 24.47
C ILE A 71 12.43 15.87 25.32
N ASP A 72 13.51 15.67 26.07
CA ASP A 72 14.08 16.72 26.92
C ASP A 72 14.95 17.62 26.06
N VAL A 73 14.30 18.59 25.41
CA VAL A 73 15.00 19.50 24.51
C VAL A 73 16.00 20.39 25.23
N ASP A 74 16.07 20.33 26.56
CA ASP A 74 17.18 20.91 27.28
C ASP A 74 18.41 20.01 27.28
N ALA A 75 18.27 18.79 26.79
CA ALA A 75 19.39 17.87 26.65
C ALA A 75 19.70 17.49 25.22
N LEU A 76 18.73 17.59 24.29
CA LEU A 76 19.02 17.32 22.89
C LEU A 76 19.90 18.43 22.31
N THR A 77 19.66 19.68 22.70
CA THR A 77 20.50 20.78 22.24
C THR A 77 21.93 20.60 22.73
N ARG A 78 22.10 20.14 23.96
CA ARG A 78 23.44 19.86 24.46
C ARG A 78 24.07 18.64 23.81
N ASP A 79 23.39 18.02 22.84
CA ASP A 79 23.95 16.97 22.01
C ASP A 79 24.21 17.43 20.59
N ILE A 80 23.28 18.16 19.97
CA ILE A 80 23.55 18.77 18.67
C ILE A 80 24.72 19.74 18.80
N GLU A 81 24.86 20.39 19.96
CA GLU A 81 25.97 21.30 20.17
C GLU A 81 27.31 20.58 20.28
N GLU A 82 27.32 19.26 20.37
CA GLU A 82 28.57 18.50 20.35
C GLU A 82 28.86 17.90 18.98
N VAL A 83 27.83 17.44 18.27
CA VAL A 83 28.04 16.90 16.93
C VAL A 83 28.56 17.99 16.00
N MET A 84 28.18 19.24 16.26
CA MET A 84 28.71 20.36 15.48
C MET A 84 30.22 20.48 15.65
N THR A 85 30.68 20.74 16.87
CA THR A 85 32.09 20.98 17.13
C THR A 85 32.85 19.67 17.31
N THR A 86 32.79 18.83 16.29
CA THR A 86 33.49 17.55 16.31
C THR A 86 33.72 17.13 14.87
N SER A 87 34.97 17.16 14.42
CA SER A 87 35.30 16.79 13.06
C SER A 87 35.20 15.27 12.88
N GLN A 88 35.03 14.86 11.63
CA GLN A 88 34.96 13.46 11.26
C GLN A 88 35.91 13.17 10.12
N PRO A 89 36.37 11.93 9.98
CA PRO A 89 37.33 11.63 8.90
C PRO A 89 36.69 11.65 7.52
N TRP A 90 35.49 11.10 7.37
CA TRP A 90 34.85 10.98 6.06
C TRP A 90 34.29 12.30 5.56
N TRP A 91 34.23 13.34 6.41
CA TRP A 91 33.68 14.63 6.01
C TRP A 91 34.33 15.71 6.84
N PRO A 92 35.45 16.28 6.37
CA PRO A 92 36.10 17.36 7.12
C PRO A 92 35.20 18.58 7.22
N ALA A 93 35.40 19.35 8.28
CA ALA A 93 34.55 20.49 8.61
C ALA A 93 35.26 21.78 8.25
N ASP A 94 34.54 22.66 7.54
CA ASP A 94 35.05 23.98 7.20
C ASP A 94 35.32 24.79 8.47
N TYR A 95 36.59 25.08 8.73
CA TYR A 95 37.03 25.72 9.98
C TYR A 95 36.66 24.89 11.20
N GLY A 96 36.55 23.58 11.03
CA GLY A 96 36.27 22.67 12.13
C GLY A 96 34.96 22.97 12.84
N HIS A 97 33.90 23.19 12.07
CA HIS A 97 32.61 23.53 12.66
C HIS A 97 31.52 23.22 11.65
N TYR A 98 30.69 22.22 11.92
CA TYR A 98 29.56 21.95 11.05
C TYR A 98 28.41 22.87 11.39
N GLY A 99 28.68 24.16 11.49
CA GLY A 99 27.64 25.12 11.77
C GLY A 99 26.89 25.52 10.52
N PRO A 100 27.57 26.16 9.58
CA PRO A 100 26.90 26.57 8.35
C PRO A 100 26.31 25.42 7.58
N LEU A 101 26.92 24.23 7.61
CA LEU A 101 26.42 23.14 6.80
C LEU A 101 25.05 22.66 7.29
N PHE A 102 24.74 22.87 8.56
CA PHE A 102 23.42 22.49 9.04
C PHE A 102 22.34 23.47 8.60
N ILE A 103 22.67 24.75 8.48
CA ILE A 103 21.70 25.73 8.01
C ILE A 103 21.34 25.46 6.56
N ARG A 104 22.34 25.44 5.69
CA ARG A 104 22.11 25.18 4.28
C ARG A 104 21.78 23.72 3.99
N MET A 105 21.56 22.91 5.02
CA MET A 105 20.85 21.64 4.87
C MET A 105 19.45 21.68 5.42
N ALA A 106 19.14 22.64 6.30
CA ALA A 106 17.76 22.90 6.69
C ALA A 106 17.05 23.84 5.73
N TRP A 107 17.77 24.42 4.77
CA TRP A 107 17.14 25.23 3.73
C TRP A 107 16.89 24.39 2.48
N HIS A 108 17.90 23.63 2.04
CA HIS A 108 17.74 22.73 0.90
C HIS A 108 16.74 21.62 1.18
N ALA A 109 16.17 21.54 2.38
CA ALA A 109 15.15 20.57 2.72
C ALA A 109 13.77 21.19 2.91
N ALA A 110 13.69 22.35 3.54
CA ALA A 110 12.43 23.05 3.74
C ALA A 110 12.25 24.21 2.78
N GLY A 111 13.11 24.33 1.78
CA GLY A 111 12.98 25.35 0.76
C GLY A 111 12.43 24.86 -0.56
N THR A 112 11.82 23.68 -0.59
CA THR A 112 11.18 23.14 -1.79
C THR A 112 9.68 23.01 -1.58
N TYR A 113 9.07 24.02 -0.96
CA TYR A 113 7.63 24.05 -0.70
C TYR A 113 6.97 24.77 -1.85
N ARG A 114 6.55 24.02 -2.86
CA ARG A 114 5.78 24.59 -3.96
C ARG A 114 4.34 24.81 -3.50
N ILE A 115 3.82 26.01 -3.73
CA ILE A 115 2.49 26.34 -3.24
C ILE A 115 1.39 26.13 -4.26
N HIS A 116 1.71 26.05 -5.55
CA HIS A 116 0.67 25.87 -6.56
C HIS A 116 -0.08 24.57 -6.40
N ASP A 117 0.49 23.58 -5.69
CA ASP A 117 -0.22 22.36 -5.36
C ASP A 117 -0.07 21.92 -3.92
N GLY A 118 0.78 22.58 -3.13
CA GLY A 118 0.85 22.35 -1.71
C GLY A 118 1.85 21.31 -1.26
N ARG A 119 2.31 20.44 -2.16
CA ARG A 119 3.21 19.37 -1.75
C ARG A 119 4.61 19.91 -1.49
N GLY A 120 5.52 19.00 -1.13
CA GLY A 120 6.86 19.39 -0.76
C GLY A 120 6.89 20.03 0.61
N GLY A 121 8.09 20.33 1.12
CA GLY A 121 8.21 21.02 2.37
C GLY A 121 8.97 20.19 3.37
N ALA A 122 8.87 20.59 4.64
CA ALA A 122 9.62 19.92 5.69
C ALA A 122 9.03 18.56 6.03
N GLY A 123 7.74 18.38 5.82
CA GLY A 123 7.02 17.23 6.33
C GLY A 123 7.28 15.90 5.66
N GLY A 124 7.99 15.87 4.53
CA GLY A 124 8.26 14.61 3.89
C GLY A 124 8.95 14.71 2.54
N GLY A 125 9.74 13.68 2.19
CA GLY A 125 10.43 13.64 0.93
C GLY A 125 11.94 13.65 1.07
N MET A 126 12.57 12.50 0.84
CA MET A 126 14.01 12.36 1.01
C MET A 126 14.51 11.06 0.40
N LEU A 141 21.21 16.83 0.84
CA LEU A 141 22.54 16.35 1.16
C LEU A 141 22.48 15.07 1.98
N ASP A 142 21.79 14.05 1.47
CA ASP A 142 21.68 12.78 2.19
C ASP A 142 23.04 12.13 2.38
N LYS A 143 24.05 12.52 1.60
CA LYS A 143 25.40 12.03 1.84
C LYS A 143 25.98 12.62 3.13
N ALA A 144 25.51 13.80 3.53
CA ALA A 144 25.97 14.44 4.76
C ALA A 144 24.93 14.40 5.86
N ARG A 145 23.75 13.83 5.60
CA ARG A 145 22.76 13.69 6.66
C ARG A 145 23.16 12.64 7.67
N ARG A 146 23.97 11.66 7.25
CA ARG A 146 24.46 10.65 8.17
C ARG A 146 25.39 11.22 9.23
N LEU A 147 25.86 12.46 9.06
CA LEU A 147 26.61 13.12 10.11
C LEU A 147 25.78 13.31 11.38
N LEU A 148 24.45 13.29 11.25
CA LEU A 148 23.56 13.44 12.39
C LEU A 148 23.14 12.12 13.01
N TRP A 149 23.68 11.00 12.52
CA TRP A 149 23.37 9.72 13.13
C TRP A 149 23.70 9.65 14.62
N PRO A 150 24.83 10.17 15.12
CA PRO A 150 25.13 10.01 16.55
C PRO A 150 24.15 10.71 17.49
N VAL A 151 23.09 11.32 16.94
CA VAL A 151 22.01 11.87 17.75
C VAL A 151 20.71 11.10 17.54
N LYS A 152 20.38 10.81 16.28
CA LYS A 152 19.17 10.04 16.01
C LYS A 152 19.23 8.66 16.64
N LYS A 153 20.42 8.10 16.82
CA LYS A 153 20.52 6.74 17.34
C LYS A 153 20.21 6.67 18.83
N LYS A 154 20.35 7.77 19.56
CA LYS A 154 20.02 7.75 20.98
C LYS A 154 18.52 7.73 21.22
N TYR A 155 17.72 8.17 20.25
CA TYR A 155 16.26 8.16 20.38
C TYR A 155 15.63 7.19 19.38
N GLY A 156 15.83 7.42 18.08
CA GLY A 156 15.44 6.45 17.08
C GLY A 156 13.95 6.36 16.82
N LYS A 157 13.16 6.70 17.82
CA LYS A 157 11.72 6.53 17.80
C LYS A 157 10.97 7.80 18.16
N LYS A 158 11.49 8.59 19.10
CA LYS A 158 10.84 9.81 19.55
C LYS A 158 11.23 11.02 18.73
N LEU A 159 12.07 10.86 17.71
CA LEU A 159 12.61 12.01 16.99
C LEU A 159 12.74 11.63 15.53
N SER A 160 11.75 12.00 14.72
CA SER A 160 11.78 11.71 13.30
C SER A 160 12.98 12.39 12.63
N TRP A 161 13.26 11.96 11.40
CA TRP A 161 14.41 12.52 10.70
C TRP A 161 14.16 13.97 10.31
N ALA A 162 12.94 14.31 9.90
CA ALA A 162 12.65 15.69 9.50
C ALA A 162 12.81 16.63 10.69
N ASP A 163 12.26 16.25 11.84
CA ASP A 163 12.43 17.07 13.04
C ASP A 163 13.89 17.21 13.40
N LEU A 164 14.66 16.13 13.27
CA LEU A 164 16.07 16.21 13.63
C LEU A 164 16.82 17.15 12.69
N ILE A 165 16.57 17.07 11.39
CA ILE A 165 17.27 17.94 10.44
C ILE A 165 16.93 19.39 10.72
N VAL A 166 15.65 19.71 10.82
CA VAL A 166 15.26 21.10 11.00
C VAL A 166 15.70 21.62 12.36
N PHE A 167 15.66 20.78 13.40
CA PHE A 167 16.13 21.20 14.70
C PHE A 167 17.64 21.37 14.73
N ALA A 168 18.38 20.56 13.96
CA ALA A 168 19.80 20.81 13.82
C ALA A 168 20.05 22.16 13.19
N GLY A 169 19.26 22.52 12.18
CA GLY A 169 19.39 23.85 11.61
C GLY A 169 19.12 24.95 12.62
N ASN A 170 18.02 24.81 13.36
CA ASN A 170 17.66 25.84 14.33
C ASN A 170 18.70 25.96 15.43
N CYS A 171 19.23 24.84 15.93
CA CYS A 171 20.23 24.88 16.98
C CYS A 171 21.58 25.34 16.45
N ALA A 172 21.87 25.11 15.17
CA ALA A 172 23.04 25.73 14.57
C ALA A 172 22.90 27.25 14.56
N LEU A 173 21.70 27.75 14.24
CA LEU A 173 21.47 29.19 14.33
C LEU A 173 21.63 29.69 15.76
N GLU A 174 21.06 28.97 16.72
CA GLU A 174 21.17 29.41 18.11
C GLU A 174 22.58 29.26 18.67
N SER A 175 23.44 28.48 18.01
CA SER A 175 24.80 28.31 18.49
C SER A 175 25.75 29.40 18.05
N MET A 176 25.35 30.25 17.10
CA MET A 176 26.20 31.30 16.57
C MET A 176 25.95 32.65 17.21
N GLY A 177 25.09 32.73 18.22
CA GLY A 177 24.78 34.00 18.85
C GLY A 177 23.59 34.68 18.21
N PHE A 178 22.48 33.98 18.11
CA PHE A 178 21.27 34.52 17.49
C PHE A 178 20.08 33.78 18.08
N LYS A 179 19.26 34.48 18.85
CA LYS A 179 18.09 33.89 19.48
C LYS A 179 16.94 33.90 18.48
N THR A 180 16.51 32.71 18.06
CA THR A 180 15.45 32.60 17.07
C THR A 180 14.10 32.80 17.74
N PHE A 181 13.02 32.50 17.02
CA PHE A 181 11.67 32.71 17.52
C PHE A 181 11.19 31.52 18.35
N GLY A 182 11.24 30.32 17.80
CA GLY A 182 10.85 29.14 18.54
C GLY A 182 10.72 27.96 17.60
N PHE A 183 10.62 26.78 18.19
CA PHE A 183 10.54 25.54 17.43
C PHE A 183 9.35 24.72 17.92
N GLY A 184 8.72 24.02 17.00
CA GLY A 184 7.65 23.10 17.32
C GLY A 184 7.82 21.78 16.59
N PHE A 185 7.94 20.69 17.34
CA PHE A 185 8.09 19.37 16.76
C PHE A 185 6.78 18.89 16.17
N GLY A 186 6.77 17.68 15.62
CA GLY A 186 5.54 17.06 15.17
C GLY A 186 5.48 16.71 13.70
N ARG A 187 6.53 16.92 12.92
CA ARG A 187 6.51 16.51 11.52
C ARG A 187 6.65 15.00 11.47
N VAL A 188 5.52 14.31 11.34
CA VAL A 188 5.54 12.86 11.27
C VAL A 188 6.33 12.43 10.03
N ASP A 189 6.87 11.23 10.07
CA ASP A 189 7.75 10.73 9.03
C ASP A 189 6.98 9.78 8.13
N GLN A 190 6.62 10.25 6.94
CA GLN A 190 6.20 9.33 5.88
C GLN A 190 7.45 8.64 5.35
N TRP A 191 7.44 7.30 5.36
CA TRP A 191 8.68 6.56 5.25
C TRP A 191 9.38 6.79 3.91
N GLU A 192 8.76 6.35 2.81
CA GLU A 192 9.31 6.56 1.48
C GLU A 192 8.19 6.29 0.48
N PRO A 193 8.23 6.93 -0.71
CA PRO A 193 7.25 6.66 -1.74
C PRO A 193 7.65 5.47 -2.61
N ASN A 238 26.53 40.99 -15.48
CA ASN A 238 25.65 39.82 -15.47
C ASN A 238 24.49 39.91 -14.48
N PRO A 239 24.75 40.28 -13.19
CA PRO A 239 23.64 40.30 -12.21
C PRO A 239 22.71 41.50 -12.41
N ASP A 240 22.09 41.56 -13.57
CA ASP A 240 21.10 42.59 -13.84
C ASP A 240 19.82 42.31 -13.05
N PRO A 241 19.00 43.33 -12.83
CA PRO A 241 17.71 43.08 -12.18
C PRO A 241 16.87 42.04 -12.89
N MET A 242 16.87 42.04 -14.22
CA MET A 242 16.15 41.04 -14.99
C MET A 242 16.88 39.70 -15.05
N ALA A 243 18.14 39.65 -14.61
CA ALA A 243 18.90 38.40 -14.67
C ALA A 243 18.57 37.51 -13.47
N ALA A 244 18.86 37.99 -12.26
CA ALA A 244 18.64 37.21 -11.06
C ALA A 244 17.72 37.87 -10.05
N ALA A 245 17.67 39.20 -10.00
CA ALA A 245 16.78 39.86 -9.05
C ALA A 245 15.32 39.57 -9.34
N VAL A 246 15.01 39.08 -10.54
CA VAL A 246 13.66 38.59 -10.80
C VAL A 246 13.56 37.08 -10.58
N ASP A 247 14.67 36.36 -10.77
CA ASP A 247 14.65 34.92 -10.55
C ASP A 247 14.46 34.59 -9.07
N ILE A 248 15.24 35.23 -8.19
CA ILE A 248 15.07 34.98 -6.78
C ILE A 248 13.72 35.48 -6.30
N ARG A 249 13.19 36.54 -6.91
CA ARG A 249 11.85 36.98 -6.56
C ARG A 249 10.81 35.93 -6.93
N GLU A 250 10.96 35.30 -8.10
CA GLU A 250 9.99 34.31 -8.54
C GLU A 250 10.16 32.97 -7.83
N THR A 251 11.39 32.56 -7.55
CA THR A 251 11.59 31.32 -6.82
C THR A 251 11.30 31.46 -5.33
N PHE A 252 11.14 32.69 -4.84
CA PHE A 252 10.62 32.93 -3.50
C PHE A 252 9.17 33.37 -3.52
N ARG A 253 8.54 33.34 -4.69
CA ARG A 253 7.10 33.56 -4.81
C ARG A 253 6.32 32.26 -4.93
N ARG A 254 6.95 31.21 -5.44
CA ARG A 254 6.36 29.87 -5.36
C ARG A 254 6.28 29.39 -3.93
N MET A 255 7.02 30.00 -3.01
CA MET A 255 7.00 29.68 -1.60
C MET A 255 6.14 30.63 -0.79
N ALA A 256 5.57 31.66 -1.43
CA ALA A 256 4.74 32.66 -0.79
C ALA A 256 5.49 33.39 0.33
N MET A 257 6.57 34.07 -0.06
CA MET A 257 7.28 34.97 0.83
C MET A 257 7.39 36.33 0.16
N ASN A 258 6.91 37.36 0.83
CA ASN A 258 6.96 38.71 0.27
C ASN A 258 8.41 39.21 0.21
N ASP A 259 8.59 40.36 -0.44
CA ASP A 259 9.92 40.88 -0.69
C ASP A 259 10.58 41.51 0.53
N VAL A 260 9.96 41.43 1.71
CA VAL A 260 10.62 41.79 2.96
C VAL A 260 11.03 40.56 3.75
N GLU A 261 10.57 39.38 3.35
CA GLU A 261 11.03 38.12 3.94
C GLU A 261 11.79 37.27 2.94
N THR A 262 12.22 37.85 1.81
CA THR A 262 13.19 37.23 0.93
C THR A 262 14.40 38.10 0.69
N ALA A 263 14.38 39.35 1.12
CA ALA A 263 15.58 40.16 1.27
C ALA A 263 16.05 40.17 2.71
N ALA A 264 15.40 39.40 3.58
CA ALA A 264 15.86 39.15 4.92
C ALA A 264 16.26 37.71 5.15
N LEU A 265 16.02 36.83 4.18
CA LEU A 265 16.60 35.49 4.18
C LEU A 265 17.94 35.46 3.46
N ILE A 266 18.13 36.33 2.47
CA ILE A 266 19.38 36.36 1.73
C ILE A 266 20.41 37.28 2.41
N VAL A 267 19.98 38.18 3.28
CA VAL A 267 20.89 38.87 4.18
C VAL A 267 20.88 38.02 5.44
N GLY A 268 20.30 36.84 5.32
CA GLY A 268 20.20 35.88 6.40
C GLY A 268 21.30 34.86 6.25
N GLY A 269 21.00 33.73 5.61
CA GLY A 269 22.01 32.71 5.46
C GLY A 269 23.12 33.13 4.53
N HIS A 270 23.70 34.30 4.82
CA HIS A 270 25.01 34.69 4.34
C HIS A 270 25.82 35.36 5.44
N THR A 271 25.24 35.54 6.63
CA THR A 271 25.93 36.05 7.80
C THR A 271 25.98 35.05 8.93
N PHE A 272 24.88 34.33 9.17
CA PHE A 272 24.82 33.32 10.21
C PHE A 272 24.78 31.91 9.60
N ASP A 329 23.54 42.03 14.07
CA ASP A 329 23.39 40.99 13.06
C ASP A 329 23.51 41.56 11.65
N ASN A 330 24.61 42.25 11.37
CA ASN A 330 24.83 42.75 10.01
C ASN A 330 26.32 42.97 9.77
N SER A 331 26.90 42.18 8.88
CA SER A 331 28.16 42.52 8.23
C SER A 331 28.13 42.29 6.73
N PHE A 332 27.25 41.43 6.24
CA PHE A 332 27.00 41.31 4.81
C PHE A 332 26.62 42.65 4.21
N LEU A 333 25.79 43.42 4.92
CA LEU A 333 25.36 44.72 4.43
C LEU A 333 26.47 45.77 4.53
N GLU A 334 27.30 45.70 5.58
CA GLU A 334 28.41 46.62 5.68
C GLU A 334 29.36 46.50 4.50
N ILE A 335 29.39 45.35 3.84
CA ILE A 335 30.23 45.14 2.67
C ILE A 335 29.54 45.61 1.40
N LEU A 336 28.27 45.25 1.22
CA LEU A 336 27.58 45.57 -0.02
C LEU A 336 27.53 47.07 -0.26
N TYR A 337 27.21 47.84 0.77
CA TYR A 337 27.14 49.29 0.64
C TYR A 337 28.36 50.00 1.21
N GLY A 338 29.34 49.25 1.72
CA GLY A 338 30.62 49.84 2.05
C GLY A 338 31.50 50.09 0.86
N TYR A 339 31.31 49.33 -0.21
CA TYR A 339 32.00 49.54 -1.48
C TYR A 339 30.96 49.67 -2.58
N GLU A 340 31.16 50.63 -3.47
CA GLU A 340 30.32 50.80 -4.66
C GLU A 340 31.02 50.28 -5.91
N TRP A 341 31.70 49.14 -5.76
CA TRP A 341 32.65 48.67 -6.78
C TRP A 341 31.96 48.46 -8.13
N GLU A 342 30.79 47.81 -8.12
CA GLU A 342 30.11 47.47 -9.36
C GLU A 342 28.70 46.96 -9.09
N LEU A 378 28.44 36.52 -4.16
CA LEU A 378 28.40 37.80 -4.86
C LEU A 378 28.22 37.61 -6.36
N ALA A 379 27.51 36.55 -6.75
CA ALA A 379 27.22 36.30 -8.15
C ALA A 379 25.74 36.44 -8.46
N THR A 380 24.88 35.68 -7.78
CA THR A 380 23.44 35.89 -7.88
C THR A 380 22.95 36.91 -6.87
N ASP A 381 23.73 37.18 -5.84
CA ASP A 381 23.48 38.28 -4.91
C ASP A 381 23.96 39.57 -5.56
N LEU A 382 24.07 40.64 -4.76
CA LEU A 382 24.41 41.97 -5.24
C LEU A 382 23.23 42.52 -6.05
N SER A 383 22.21 41.68 -6.23
CA SER A 383 20.94 42.17 -6.76
C SER A 383 20.32 43.18 -5.80
N LEU A 384 20.57 43.01 -4.50
CA LEU A 384 20.05 43.91 -3.48
C LEU A 384 20.68 45.30 -3.55
N ARG A 385 21.76 45.46 -4.30
CA ARG A 385 22.37 46.77 -4.51
C ARG A 385 21.87 47.47 -5.77
N VAL A 386 21.41 46.72 -6.77
CA VAL A 386 21.04 47.29 -8.06
C VAL A 386 19.52 47.33 -8.24
N ASP A 387 18.83 46.25 -7.89
CA ASP A 387 17.39 46.18 -8.13
C ASP A 387 16.66 47.25 -7.32
N PRO A 388 15.88 48.12 -7.95
CA PRO A 388 15.24 49.21 -7.19
C PRO A 388 14.24 48.74 -6.14
N ILE A 389 13.66 47.56 -6.28
CA ILE A 389 12.71 47.07 -5.28
C ILE A 389 13.45 46.65 -4.02
N TYR A 390 14.51 45.86 -4.16
CA TYR A 390 15.23 45.40 -2.99
C TYR A 390 16.09 46.50 -2.38
N GLU A 391 16.72 47.33 -3.21
CA GLU A 391 17.61 48.36 -2.70
C GLU A 391 16.86 49.41 -1.90
N ARG A 392 15.53 49.42 -2.02
CA ARG A 392 14.69 50.32 -1.24
C ARG A 392 14.65 49.94 0.24
N ILE A 393 14.66 48.65 0.55
CA ILE A 393 14.59 48.21 1.94
C ILE A 393 15.95 47.87 2.52
N THR A 394 16.81 47.18 1.77
CA THR A 394 18.11 46.78 2.30
C THR A 394 18.97 47.98 2.67
N ARG A 395 18.93 49.05 1.86
CA ARG A 395 19.68 50.26 2.19
C ARG A 395 19.26 50.80 3.55
N ARG A 396 18.02 50.55 3.95
CA ARG A 396 17.52 51.06 5.22
C ARG A 396 18.05 50.25 6.41
N TRP A 397 18.37 48.98 6.21
CA TRP A 397 18.85 48.16 7.32
C TRP A 397 20.29 48.48 7.73
N LEU A 398 21.01 49.30 6.96
CA LEU A 398 22.35 49.70 7.38
C LEU A 398 22.30 50.53 8.65
N GLU A 399 21.42 51.52 8.69
CA GLU A 399 21.38 52.45 9.81
C GLU A 399 20.63 51.91 11.02
N HIS A 400 19.74 50.93 10.82
CA HIS A 400 18.95 50.35 11.91
C HIS A 400 19.11 48.84 11.88
N PRO A 401 20.29 48.32 12.23
CA PRO A 401 20.56 46.88 12.15
C PRO A 401 20.01 46.09 13.33
N GLU A 402 18.77 46.39 13.70
CA GLU A 402 18.07 45.65 14.74
C GLU A 402 16.70 45.16 14.32
N GLU A 403 16.07 45.80 13.35
CA GLU A 403 14.85 45.30 12.73
C GLU A 403 15.16 44.27 11.64
N LEU A 404 16.44 43.97 11.40
CA LEU A 404 16.79 42.83 10.57
C LEU A 404 16.79 41.54 11.39
N ALA A 405 17.24 41.60 12.63
CA ALA A 405 17.31 40.40 13.46
C ALA A 405 15.92 39.78 13.63
N ASP A 406 14.94 40.59 14.04
CA ASP A 406 13.59 40.04 14.23
C ASP A 406 12.94 39.69 12.91
N GLU A 407 13.23 40.45 11.84
CA GLU A 407 12.70 40.09 10.53
C GLU A 407 13.26 38.75 10.05
N PHE A 408 14.55 38.52 10.26
CA PHE A 408 15.12 37.22 9.91
C PHE A 408 14.57 36.13 10.81
N ALA A 409 14.32 36.43 12.08
CA ALA A 409 13.74 35.44 12.97
C ALA A 409 12.37 35.00 12.48
N LYS A 410 11.51 35.97 12.14
CA LYS A 410 10.19 35.64 11.62
C LYS A 410 10.28 34.89 10.31
N ALA A 411 11.20 35.31 9.42
CA ALA A 411 11.33 34.66 8.13
C ALA A 411 11.79 33.21 8.28
N TRP A 412 12.75 32.96 9.17
CA TRP A 412 13.21 31.60 9.40
C TRP A 412 12.14 30.73 10.03
N TYR A 413 11.42 31.28 11.01
CA TYR A 413 10.33 30.54 11.64
C TYR A 413 9.28 30.16 10.61
N LYS A 414 8.90 31.11 9.75
CA LYS A 414 7.97 30.80 8.68
C LYS A 414 8.55 29.77 7.72
N LEU A 415 9.84 29.86 7.42
CA LEU A 415 10.44 28.94 6.46
C LEU A 415 10.38 27.51 6.95
N ILE A 416 10.67 27.27 8.22
CA ILE A 416 10.72 25.89 8.71
C ILE A 416 9.39 25.40 9.28
N HIS A 417 8.44 26.29 9.57
CA HIS A 417 7.16 25.90 10.14
C HIS A 417 6.01 26.24 9.21
N ARG A 418 6.20 26.05 7.90
CA ARG A 418 5.16 26.38 6.95
C ARG A 418 4.34 25.17 6.52
N ASP A 419 4.88 23.98 6.64
CA ASP A 419 4.20 22.77 6.18
C ASP A 419 3.74 21.93 7.37
N MET A 420 3.25 22.59 8.42
CA MET A 420 2.73 21.89 9.57
C MET A 420 1.31 22.30 9.92
N GLY A 421 0.74 23.27 9.22
CA GLY A 421 -0.67 23.59 9.35
C GLY A 421 -1.01 24.36 10.60
N PRO A 422 -2.21 24.12 11.13
CA PRO A 422 -2.71 24.95 12.24
C PRO A 422 -1.89 24.76 13.50
N VAL A 423 -1.95 25.75 14.38
CA VAL A 423 -1.10 25.70 15.56
C VAL A 423 -1.81 24.89 16.64
N ALA A 424 -1.80 23.57 16.46
CA ALA A 424 -1.99 22.62 17.54
C ALA A 424 -1.16 21.39 17.32
N ARG A 425 -0.37 21.33 16.24
CA ARG A 425 0.61 20.29 16.02
C ARG A 425 1.97 20.65 16.56
N TYR A 426 2.18 21.89 16.97
CA TYR A 426 3.47 22.31 17.48
C TYR A 426 3.68 21.74 18.87
N LEU A 427 4.25 20.54 18.93
CA LEU A 427 4.52 19.89 20.21
C LEU A 427 5.83 20.44 20.76
N GLY A 428 6.32 19.86 21.85
CA GLY A 428 7.55 20.29 22.45
C GLY A 428 7.41 21.60 23.19
N PRO A 429 8.23 21.79 24.22
CA PRO A 429 8.11 23.00 25.06
C PRO A 429 8.59 24.28 24.39
N LEU A 430 9.28 24.19 23.25
CA LEU A 430 9.93 25.35 22.67
C LEU A 430 8.96 26.30 21.96
N VAL A 431 7.77 25.84 21.60
CA VAL A 431 6.87 26.63 20.76
C VAL A 431 6.54 27.94 21.45
N PRO A 432 6.53 29.07 20.75
CA PRO A 432 6.16 30.34 21.38
C PRO A 432 4.66 30.45 21.57
N LYS A 433 4.26 31.37 22.43
CA LYS A 433 2.84 31.67 22.66
C LYS A 433 2.55 33.03 22.03
N GLN A 434 2.24 33.01 20.75
CA GLN A 434 1.96 34.21 19.97
C GLN A 434 1.31 33.78 18.66
N THR A 435 0.32 34.54 18.22
CA THR A 435 -0.41 34.23 16.99
C THR A 435 0.25 34.94 15.82
N LEU A 436 0.48 34.19 14.74
CA LEU A 436 1.04 34.74 13.51
C LEU A 436 0.02 34.57 12.40
N LEU A 437 -0.12 35.60 11.57
CA LEU A 437 -1.24 35.68 10.64
C LEU A 437 -1.15 34.64 9.53
N TRP A 438 0.03 34.13 9.21
CA TRP A 438 0.15 33.20 8.11
C TRP A 438 -0.22 31.77 8.48
N GLN A 439 -0.49 31.49 9.75
CA GLN A 439 -0.98 30.18 10.17
C GLN A 439 -2.48 30.04 10.02
N ASP A 440 -3.18 31.12 9.67
CA ASP A 440 -4.63 31.18 9.65
C ASP A 440 -5.16 30.76 11.01
N PRO A 441 -4.94 31.58 12.04
CA PRO A 441 -5.27 31.16 13.40
C PRO A 441 -6.77 31.12 13.62
N VAL A 442 -7.17 30.32 14.60
CA VAL A 442 -8.58 30.21 14.99
C VAL A 442 -8.66 30.45 16.49
N PRO A 443 -9.66 31.20 16.98
CA PRO A 443 -9.73 31.48 18.41
C PRO A 443 -9.88 30.20 19.23
N ALA A 444 -9.28 30.22 20.42
CA ALA A 444 -9.38 29.09 21.32
C ALA A 444 -10.82 28.94 21.83
N VAL A 445 -11.14 27.72 22.26
CA VAL A 445 -12.48 27.42 22.74
C VAL A 445 -12.71 28.20 24.03
N SER A 446 -13.59 29.20 23.97
CA SER A 446 -13.97 29.99 25.14
C SER A 446 -15.39 29.72 25.58
N HIS A 447 -16.06 28.73 24.96
CA HIS A 447 -17.43 28.38 25.29
C HIS A 447 -17.52 26.86 25.40
N ASP A 448 -18.12 26.38 26.49
CA ASP A 448 -18.26 24.95 26.68
C ASP A 448 -19.12 24.35 25.57
N LEU A 449 -18.79 23.13 25.16
CA LEU A 449 -19.30 22.55 23.93
C LEU A 449 -20.71 22.00 24.14
N VAL A 450 -21.19 21.25 23.15
CA VAL A 450 -22.54 20.71 23.13
C VAL A 450 -22.47 19.22 23.47
N GLY A 451 -23.36 18.78 24.36
CA GLY A 451 -23.49 17.38 24.69
C GLY A 451 -24.46 16.68 23.76
N GLU A 452 -24.61 15.36 23.97
CA GLU A 452 -25.50 14.57 23.15
C GLU A 452 -26.96 14.96 23.32
N ALA A 453 -27.30 15.63 24.43
CA ALA A 453 -28.66 16.10 24.62
C ALA A 453 -28.96 17.35 23.81
N GLU A 454 -27.93 18.09 23.37
CA GLU A 454 -28.12 19.30 22.59
C GLU A 454 -27.86 19.10 21.10
N ILE A 455 -26.97 18.18 20.74
CA ILE A 455 -26.75 17.87 19.33
C ILE A 455 -28.05 17.34 18.72
N ALA A 456 -28.79 16.54 19.48
CA ALA A 456 -30.08 16.04 18.99
C ALA A 456 -31.03 17.19 18.72
N SER A 457 -31.11 18.16 19.63
CA SER A 457 -31.98 19.30 19.41
C SER A 457 -31.55 20.12 18.20
N LEU A 458 -30.24 20.32 18.04
CA LEU A 458 -29.76 21.11 16.91
C LEU A 458 -30.04 20.42 15.59
N LYS A 459 -29.66 19.14 15.46
CA LYS A 459 -29.93 18.44 14.21
C LYS A 459 -31.40 18.06 14.07
N SER A 460 -32.22 18.35 15.06
CA SER A 460 -33.67 18.30 14.92
C SER A 460 -34.25 19.66 14.56
N GLN A 461 -33.42 20.68 14.40
CA GLN A 461 -33.82 22.00 13.96
C GLN A 461 -33.37 22.34 12.56
N ILE A 462 -32.15 21.93 12.19
CA ILE A 462 -31.62 22.23 10.86
C ILE A 462 -32.51 21.62 9.79
N ARG A 463 -32.87 20.35 9.95
CA ARG A 463 -33.75 19.70 9.00
C ARG A 463 -35.19 20.17 9.10
N ALA A 464 -35.52 20.96 10.13
CA ALA A 464 -36.89 21.39 10.37
C ALA A 464 -37.14 22.84 9.96
N SER A 465 -36.26 23.42 9.14
CA SER A 465 -36.45 24.81 8.74
C SER A 465 -35.91 25.00 7.31
N GLY A 466 -36.80 24.85 6.34
CA GLY A 466 -36.53 25.29 4.99
C GLY A 466 -35.52 24.50 4.20
N LEU A 467 -34.31 24.38 4.73
CA LEU A 467 -33.19 23.83 3.98
C LEU A 467 -33.45 22.38 3.57
N THR A 468 -33.22 22.10 2.29
CA THR A 468 -33.43 20.78 1.72
C THR A 468 -32.20 19.92 1.99
N VAL A 469 -32.12 18.77 1.32
CA VAL A 469 -30.96 17.90 1.46
C VAL A 469 -29.86 18.24 0.46
N SER A 470 -30.20 18.90 -0.65
CA SER A 470 -29.20 19.26 -1.65
C SER A 470 -28.46 20.54 -1.31
N GLN A 471 -28.91 21.29 -0.31
CA GLN A 471 -28.23 22.52 0.09
C GLN A 471 -27.23 22.28 1.20
N LEU A 472 -27.66 21.59 2.27
CA LEU A 472 -26.79 21.36 3.41
C LEU A 472 -25.58 20.53 3.05
N VAL A 473 -25.76 19.49 2.24
CA VAL A 473 -24.63 18.67 1.81
C VAL A 473 -23.66 19.51 0.99
N SER A 474 -24.19 20.33 0.08
CA SER A 474 -23.31 21.16 -0.74
C SER A 474 -22.52 22.13 0.13
N THR A 475 -23.17 22.77 1.11
CA THR A 475 -22.47 23.73 1.95
C THR A 475 -21.41 23.05 2.81
N ALA A 476 -21.75 21.93 3.44
CA ALA A 476 -20.78 21.23 4.28
C ALA A 476 -19.59 20.75 3.45
N TRP A 477 -19.85 20.17 2.28
CA TRP A 477 -18.76 19.71 1.43
C TRP A 477 -17.89 20.87 0.98
N ALA A 478 -18.51 21.97 0.56
CA ALA A 478 -17.74 23.13 0.13
C ALA A 478 -16.88 23.67 1.25
N ALA A 479 -17.38 23.66 2.47
CA ALA A 479 -16.58 24.13 3.59
C ALA A 479 -15.45 23.17 3.91
N ALA A 480 -15.63 21.87 3.65
CA ALA A 480 -14.61 20.89 4.02
C ALA A 480 -13.91 20.25 2.82
N SER A 481 -14.10 20.79 1.61
CA SER A 481 -13.36 20.34 0.45
C SER A 481 -12.20 21.26 0.11
N SER A 482 -11.92 22.24 0.97
CA SER A 482 -10.79 23.14 0.80
C SER A 482 -9.61 22.73 1.65
N PHE A 483 -9.40 21.44 1.84
CA PHE A 483 -8.32 20.91 2.65
C PHE A 483 -7.19 20.41 1.75
N ARG A 484 -5.97 20.43 2.29
CA ARG A 484 -4.78 19.98 1.58
C ARG A 484 -3.98 19.10 2.54
N GLY A 485 -4.12 17.79 2.41
CA GLY A 485 -3.41 16.87 3.28
C GLY A 485 -1.90 16.93 3.16
N SER A 486 -1.38 17.56 2.10
CA SER A 486 0.04 17.79 1.97
C SER A 486 0.51 19.05 2.67
N ASP A 487 -0.42 19.90 3.11
CA ASP A 487 -0.08 21.14 3.81
C ASP A 487 -0.91 21.37 5.05
N LYS A 488 -1.96 20.58 5.28
CA LYS A 488 -2.75 20.60 6.51
C LYS A 488 -3.43 21.93 6.77
N ARG A 489 -3.52 22.81 5.78
CA ARG A 489 -4.18 24.10 5.96
C ARG A 489 -5.44 24.16 5.12
N GLY A 490 -6.51 24.66 5.73
CA GLY A 490 -7.82 24.66 5.11
C GLY A 490 -8.81 23.93 5.99
N GLY A 491 -9.57 23.00 5.42
CA GLY A 491 -10.41 22.14 6.20
C GLY A 491 -11.67 22.82 6.72
N ALA A 492 -12.45 22.05 7.47
CA ALA A 492 -13.73 22.53 7.97
C ALA A 492 -13.54 23.60 9.05
N ASN A 493 -12.52 23.46 9.88
CA ASN A 493 -12.38 24.31 11.05
C ASN A 493 -12.17 25.76 10.64
N GLY A 494 -12.50 26.67 11.56
CA GLY A 494 -12.38 28.08 11.36
C GLY A 494 -13.70 28.76 10.99
N GLY A 495 -14.61 28.02 10.37
CA GLY A 495 -15.87 28.59 9.95
C GLY A 495 -15.67 29.74 8.97
N ARG A 496 -14.82 29.51 7.98
CA ARG A 496 -14.44 30.57 7.06
C ARG A 496 -15.30 30.62 5.81
N ILE A 497 -16.24 29.68 5.63
CA ILE A 497 -17.08 29.70 4.44
C ILE A 497 -18.03 30.88 4.43
N ARG A 498 -18.12 31.64 5.52
CA ARG A 498 -18.88 32.87 5.54
C ARG A 498 -18.02 34.09 5.25
N LEU A 499 -16.72 33.93 5.08
CA LEU A 499 -15.80 35.04 4.93
C LEU A 499 -15.50 35.32 3.45
N GLN A 500 -14.81 36.43 3.21
CA GLN A 500 -14.67 36.94 1.86
C GLN A 500 -13.91 36.03 0.89
N PRO A 501 -12.74 35.50 1.22
CA PRO A 501 -11.99 34.73 0.22
C PRO A 501 -12.62 33.38 -0.09
N GLN A 502 -13.62 32.95 0.67
CA GLN A 502 -14.19 31.62 0.57
C GLN A 502 -15.62 31.65 0.05
N VAL A 503 -16.46 32.53 0.58
CA VAL A 503 -17.84 32.63 0.14
C VAL A 503 -17.99 33.30 -1.21
N GLY A 504 -16.89 33.73 -1.81
CA GLY A 504 -16.91 34.40 -3.10
C GLY A 504 -16.24 33.65 -4.22
N TRP A 505 -15.90 32.38 -4.03
CA TRP A 505 -15.26 31.62 -5.09
C TRP A 505 -16.26 31.28 -6.18
N GLU A 506 -15.82 30.51 -7.16
CA GLU A 506 -16.70 30.08 -8.23
C GLU A 506 -17.31 28.71 -7.97
N VAL A 507 -16.54 27.77 -7.41
CA VAL A 507 -17.07 26.44 -7.16
C VAL A 507 -18.15 26.50 -6.08
N ASN A 508 -17.92 27.25 -5.00
CA ASN A 508 -18.95 27.52 -4.01
C ASN A 508 -19.88 28.62 -4.54
N ASP A 509 -20.55 28.30 -5.64
CA ASP A 509 -21.32 29.26 -6.43
C ASP A 509 -22.23 30.10 -5.54
N PRO A 510 -21.93 31.38 -5.37
CA PRO A 510 -22.71 32.22 -4.46
C PRO A 510 -23.99 32.78 -5.05
N ASP A 511 -24.46 32.26 -6.19
CA ASP A 511 -25.68 32.74 -6.83
C ASP A 511 -26.88 32.01 -6.22
N GLY A 512 -27.19 32.39 -4.98
CA GLY A 512 -28.34 31.88 -4.26
C GLY A 512 -28.08 30.67 -3.39
N ASP A 513 -26.95 29.98 -3.58
CA ASP A 513 -26.66 28.79 -2.77
C ASP A 513 -26.05 29.18 -1.43
N LEU A 514 -24.90 29.84 -1.46
CA LEU A 514 -24.17 30.18 -0.24
C LEU A 514 -24.59 31.49 0.37
N ARG A 515 -25.80 31.95 0.09
CA ARG A 515 -26.38 33.12 0.73
C ARG A 515 -27.68 32.80 1.46
N LYS A 516 -28.49 31.90 0.88
CA LYS A 516 -29.72 31.48 1.56
C LYS A 516 -29.44 30.39 2.59
N VAL A 517 -28.25 29.81 2.57
CA VAL A 517 -27.91 28.78 3.55
C VAL A 517 -27.25 29.40 4.77
N ILE A 518 -26.20 30.21 4.55
CA ILE A 518 -25.49 30.84 5.66
C ILE A 518 -26.43 31.73 6.46
N ARG A 519 -27.41 32.33 5.79
CA ARG A 519 -28.38 33.17 6.50
C ARG A 519 -29.19 32.35 7.49
N THR A 520 -29.65 31.16 7.08
CA THR A 520 -30.48 30.35 7.96
C THR A 520 -29.66 29.75 9.10
N LEU A 521 -28.47 29.22 8.79
CA LEU A 521 -27.65 28.60 9.82
C LEU A 521 -27.23 29.61 10.87
N GLU A 522 -26.92 30.83 10.46
CA GLU A 522 -26.58 31.88 11.42
C GLU A 522 -27.77 32.20 12.33
N GLU A 523 -28.97 32.22 11.75
CA GLU A 523 -30.16 32.46 12.56
C GLU A 523 -30.38 31.35 13.58
N ILE A 524 -30.21 30.09 13.17
CA ILE A 524 -30.33 28.98 14.10
C ILE A 524 -29.28 29.09 15.18
N GLN A 525 -28.05 29.48 14.81
CA GLN A 525 -26.98 29.67 15.77
C GLN A 525 -27.39 30.70 16.83
N GLU A 526 -27.88 31.86 16.39
CA GLU A 526 -28.21 32.91 17.36
C GLU A 526 -29.38 32.51 18.23
N SER A 527 -30.36 31.80 17.66
CA SER A 527 -31.54 31.42 18.43
C SER A 527 -31.23 30.30 19.43
N PHE A 528 -30.27 29.43 19.11
CA PHE A 528 -29.83 28.43 20.08
C PHE A 528 -28.84 29.01 21.07
N ASN A 529 -28.18 30.12 20.72
CA ASN A 529 -27.24 30.76 21.63
C ASN A 529 -27.97 31.56 22.70
N SER A 530 -28.89 32.44 22.28
CA SER A 530 -29.55 33.31 23.24
C SER A 530 -30.37 32.52 24.25
N ALA A 531 -31.24 31.64 23.77
CA ALA A 531 -32.03 30.77 24.65
C ALA A 531 -31.36 29.41 24.85
N ALA A 532 -30.09 29.44 25.25
CA ALA A 532 -29.36 28.21 25.43
C ALA A 532 -29.86 27.46 26.67
N PRO A 533 -29.74 26.13 26.68
CA PRO A 533 -30.11 25.39 27.90
C PRO A 533 -29.28 25.79 29.12
N GLY A 534 -28.00 26.07 28.93
CA GLY A 534 -27.14 26.48 30.03
C GLY A 534 -26.06 27.45 29.58
N ASN A 535 -24.82 27.18 29.99
CA ASN A 535 -23.67 27.95 29.51
C ASN A 535 -23.20 27.43 28.16
N ILE A 536 -23.82 26.37 27.66
CA ILE A 536 -23.44 25.83 26.35
C ILE A 536 -23.76 26.84 25.26
N LYS A 537 -22.81 27.03 24.35
CA LYS A 537 -22.99 27.95 23.23
C LYS A 537 -22.24 27.39 22.04
N VAL A 538 -22.97 27.05 20.99
CA VAL A 538 -22.37 26.42 19.82
C VAL A 538 -21.76 27.50 18.93
N SER A 539 -20.64 27.16 18.30
CA SER A 539 -19.98 28.05 17.36
C SER A 539 -20.68 27.97 16.01
N PHE A 540 -20.08 28.54 14.97
CA PHE A 540 -20.65 28.45 13.64
C PHE A 540 -19.97 27.43 12.76
N ALA A 541 -18.71 27.10 13.02
CA ALA A 541 -18.06 26.07 12.23
C ALA A 541 -18.61 24.68 12.51
N ASP A 542 -19.61 24.56 13.38
CA ASP A 542 -20.33 23.31 13.58
C ASP A 542 -21.60 23.26 12.73
N LEU A 543 -22.43 24.30 12.79
CA LEU A 543 -23.69 24.29 12.07
C LEU A 543 -23.48 24.18 10.56
N VAL A 544 -22.29 24.49 10.07
CA VAL A 544 -21.96 24.17 8.68
C VAL A 544 -21.78 22.68 8.48
N VAL A 545 -21.14 21.99 9.44
CA VAL A 545 -20.91 20.56 9.35
C VAL A 545 -22.03 19.77 10.00
N LEU A 546 -22.48 20.19 11.19
CA LEU A 546 -23.62 19.53 11.81
C LEU A 546 -24.86 19.62 10.94
N GLY A 547 -24.94 20.63 10.08
CA GLY A 547 -25.97 20.64 9.07
C GLY A 547 -25.79 19.50 8.08
N GLY A 548 -24.54 19.23 7.68
CA GLY A 548 -24.29 18.15 6.74
C GLY A 548 -24.66 16.79 7.29
N CYS A 549 -24.30 16.53 8.55
CA CYS A 549 -24.62 15.24 9.15
C CYS A 549 -26.13 15.08 9.34
N ALA A 550 -26.82 16.16 9.67
CA ALA A 550 -28.28 16.09 9.72
C ALA A 550 -28.87 15.91 8.34
N ALA A 551 -28.23 16.47 7.31
CA ALA A 551 -28.71 16.25 5.94
C ALA A 551 -28.59 14.78 5.54
N ILE A 552 -27.45 14.16 5.82
CA ILE A 552 -27.30 12.74 5.50
C ILE A 552 -28.22 11.89 6.37
N GLU A 553 -28.44 12.27 7.62
CA GLU A 553 -29.36 11.51 8.46
C GLU A 553 -30.80 11.63 7.99
N LYS A 554 -31.15 12.76 7.36
CA LYS A 554 -32.48 12.89 6.77
C LYS A 554 -32.57 12.19 5.42
N ALA A 555 -31.46 12.07 4.70
CA ALA A 555 -31.48 11.45 3.38
C ALA A 555 -31.48 9.93 3.49
N ALA A 556 -30.56 9.36 4.26
CA ALA A 556 -30.51 7.92 4.45
C ALA A 556 -31.53 7.51 5.51
N LYS A 557 -32.75 8.02 5.37
CA LYS A 557 -33.89 7.56 6.13
C LYS A 557 -35.14 7.41 5.27
N ALA A 558 -35.17 7.99 4.07
CA ALA A 558 -36.18 7.67 3.08
C ALA A 558 -35.74 6.54 2.17
N ALA A 559 -34.45 6.21 2.15
CA ALA A 559 -33.99 5.03 1.42
C ALA A 559 -34.36 3.74 2.15
N GLY A 560 -34.55 3.82 3.47
CA GLY A 560 -34.96 2.66 4.24
C GLY A 560 -34.19 2.48 5.53
N HIS A 561 -32.92 2.87 5.53
CA HIS A 561 -32.05 2.66 6.68
C HIS A 561 -32.34 3.70 7.75
N ASN A 562 -31.65 3.56 8.89
CA ASN A 562 -31.67 4.54 9.96
C ASN A 562 -30.26 4.58 10.54
N ILE A 563 -29.49 5.61 10.18
CA ILE A 563 -28.08 5.70 10.51
C ILE A 563 -27.82 7.02 11.20
N THR A 564 -27.13 6.97 12.34
CA THR A 564 -26.67 8.16 13.03
C THR A 564 -25.22 8.43 12.63
N VAL A 565 -24.93 9.69 12.29
CA VAL A 565 -23.62 10.06 11.77
C VAL A 565 -22.76 10.58 12.91
N PRO A 566 -21.52 10.10 13.06
CA PRO A 566 -20.66 10.62 14.12
C PRO A 566 -20.37 12.10 13.90
N PHE A 567 -20.30 12.84 15.00
CA PHE A 567 -20.04 14.27 14.94
C PHE A 567 -19.35 14.69 16.23
N THR A 568 -18.12 15.17 16.13
CA THR A 568 -17.34 15.54 17.30
C THR A 568 -17.23 17.05 17.39
N PRO A 569 -17.94 17.71 18.30
CA PRO A 569 -17.89 19.17 18.37
C PRO A 569 -16.52 19.66 18.84
N GLY A 570 -16.33 20.96 18.70
CA GLY A 570 -15.08 21.56 19.14
C GLY A 570 -14.47 22.52 18.14
N ARG A 571 -15.21 22.84 17.08
CA ARG A 571 -14.73 23.78 16.09
C ARG A 571 -15.07 25.21 16.49
N THR A 572 -14.22 26.15 16.07
CA THR A 572 -14.37 27.54 16.42
C THR A 572 -14.40 28.39 15.15
N ASP A 573 -15.02 29.56 15.26
CA ASP A 573 -15.17 30.47 14.14
C ASP A 573 -14.10 31.56 14.16
N ALA A 574 -13.44 31.76 13.03
CA ALA A 574 -12.40 32.77 12.87
C ALA A 574 -12.98 34.02 12.21
N SER A 575 -12.66 35.18 12.77
CA SER A 575 -13.23 36.42 12.29
C SER A 575 -12.61 36.80 10.94
N GLN A 576 -13.01 37.97 10.44
CA GLN A 576 -12.60 38.39 9.10
C GLN A 576 -11.14 38.81 9.08
N GLU A 577 -10.66 39.46 10.14
CA GLU A 577 -9.32 40.02 10.15
C GLU A 577 -8.22 38.98 10.26
N GLN A 578 -8.51 37.68 10.18
CA GLN A 578 -7.48 36.65 10.32
C GLN A 578 -7.54 35.66 9.17
N THR A 579 -7.95 36.09 7.98
CA THR A 579 -8.15 35.18 6.87
C THR A 579 -7.12 35.28 5.77
N ASP A 580 -6.49 36.45 5.59
CA ASP A 580 -5.42 36.64 4.60
C ASP A 580 -5.90 36.26 3.19
N VAL A 581 -6.83 37.08 2.69
CA VAL A 581 -7.43 36.83 1.38
C VAL A 581 -6.40 36.70 0.28
N GLU A 582 -5.17 37.20 0.50
CA GLU A 582 -4.13 37.08 -0.51
C GLU A 582 -3.52 35.69 -0.56
N SER A 583 -3.79 34.84 0.43
CA SER A 583 -3.16 33.53 0.52
C SER A 583 -4.12 32.37 0.34
N PHE A 584 -5.43 32.62 0.31
CA PHE A 584 -6.39 31.57 -0.03
C PHE A 584 -6.68 31.49 -1.52
N ALA A 585 -6.13 32.39 -2.33
CA ALA A 585 -6.30 32.27 -3.77
C ALA A 585 -5.63 31.01 -4.31
N VAL A 586 -4.72 30.40 -3.53
CA VAL A 586 -4.11 29.15 -3.94
C VAL A 586 -4.95 27.93 -3.54
N LEU A 587 -5.84 28.08 -2.57
CA LEU A 587 -6.77 27.01 -2.22
C LEU A 587 -7.90 26.89 -3.23
N GLU A 588 -8.05 27.86 -4.13
CA GLU A 588 -9.00 27.85 -5.24
C GLU A 588 -8.96 26.52 -5.97
N PRO A 589 -10.03 25.73 -5.92
CA PRO A 589 -10.06 24.51 -6.73
C PRO A 589 -10.26 24.84 -8.19
N LYS A 590 -9.20 24.72 -9.00
CA LYS A 590 -9.35 24.92 -10.44
C LYS A 590 -10.26 23.87 -11.05
N ALA A 591 -10.39 22.71 -10.42
CA ALA A 591 -11.31 21.68 -10.88
C ALA A 591 -11.58 20.74 -9.72
N ASP A 592 -12.83 20.68 -9.27
CA ASP A 592 -13.25 19.74 -8.24
C ASP A 592 -14.03 18.62 -8.92
N GLY A 593 -13.55 17.39 -8.77
CA GLY A 593 -14.17 16.27 -9.45
C GLY A 593 -15.39 15.72 -8.75
N PHE A 594 -15.53 15.95 -7.45
CA PHE A 594 -16.67 15.42 -6.72
C PHE A 594 -17.96 16.18 -7.01
N ARG A 595 -17.87 17.38 -7.58
CA ARG A 595 -19.05 18.19 -7.86
C ARG A 595 -19.20 18.53 -9.34
N ASN A 596 -18.52 17.80 -10.21
CA ASN A 596 -18.55 18.06 -11.66
C ASN A 596 -18.23 19.52 -11.98
N TYR A 597 -17.28 20.08 -11.23
CA TYR A 597 -16.75 21.39 -11.58
C TYR A 597 -15.62 21.21 -12.57
N LEU A 598 -15.53 22.12 -13.54
CA LEU A 598 -14.46 22.07 -14.53
C LEU A 598 -14.14 23.51 -14.92
N GLY A 599 -12.99 24.00 -14.45
CA GLY A 599 -12.63 25.39 -14.67
C GLY A 599 -12.04 25.65 -16.03
N LYS A 600 -10.96 26.41 -16.08
CA LYS A 600 -10.28 26.74 -17.32
C LYS A 600 -8.78 26.54 -17.16
N GLY A 601 -8.13 26.17 -18.25
CA GLY A 601 -6.69 25.95 -18.23
C GLY A 601 -6.25 24.79 -17.37
N ASN A 602 -6.95 23.66 -17.47
CA ASN A 602 -6.57 22.48 -16.69
C ASN A 602 -5.38 21.79 -17.34
N PRO A 603 -4.27 21.61 -16.62
CA PRO A 603 -3.12 20.90 -17.21
C PRO A 603 -3.44 19.46 -17.58
N LEU A 604 -4.33 18.80 -16.85
CA LEU A 604 -4.65 17.40 -17.04
C LEU A 604 -6.14 17.23 -17.31
N PRO A 605 -6.55 16.13 -17.95
CA PRO A 605 -7.97 15.93 -18.23
C PRO A 605 -8.82 15.82 -16.97
N ALA A 606 -10.13 15.70 -17.14
CA ALA A 606 -11.04 15.80 -16.01
C ALA A 606 -10.96 14.61 -15.06
N GLU A 607 -10.43 13.47 -15.51
CA GLU A 607 -10.35 12.29 -14.65
C GLU A 607 -9.04 12.18 -13.91
N TYR A 608 -8.12 13.13 -14.09
CA TYR A 608 -6.92 13.19 -13.26
C TYR A 608 -7.01 14.26 -12.19
N MET A 609 -7.77 15.33 -12.44
CA MET A 609 -8.01 16.32 -11.39
C MET A 609 -8.77 15.70 -10.22
N LEU A 610 -9.70 14.79 -10.51
CA LEU A 610 -10.38 14.07 -9.44
C LEU A 610 -9.41 13.23 -8.63
N LEU A 611 -8.49 12.55 -9.30
CA LEU A 611 -7.50 11.75 -8.59
C LEU A 611 -6.61 12.63 -7.71
N ASP A 612 -6.18 13.78 -8.23
CA ASP A 612 -5.36 14.67 -7.44
C ASP A 612 -6.13 15.22 -6.24
N LYS A 613 -7.39 15.59 -6.44
CA LYS A 613 -8.21 16.07 -5.33
C LYS A 613 -8.38 15.00 -4.27
N ALA A 614 -8.64 13.75 -4.68
CA ALA A 614 -8.81 12.68 -3.72
C ALA A 614 -7.52 12.34 -3.02
N ASN A 615 -6.37 12.59 -3.67
CA ASN A 615 -5.10 12.37 -3.01
C ASN A 615 -4.81 13.47 -2.00
N LEU A 616 -5.18 14.71 -2.31
CA LEU A 616 -4.96 15.80 -1.38
C LEU A 616 -5.74 15.62 -0.09
N LEU A 617 -6.99 15.17 -0.20
CA LEU A 617 -7.81 14.91 0.98
C LEU A 617 -7.39 13.65 1.73
N THR A 618 -6.28 13.03 1.34
CA THR A 618 -5.80 11.79 1.94
C THR A 618 -6.89 10.72 1.95
N LEU A 619 -7.47 10.48 0.79
CA LEU A 619 -8.51 9.48 0.63
C LEU A 619 -7.95 8.23 -0.03
N SER A 620 -8.64 7.12 0.17
CA SER A 620 -8.32 5.85 -0.46
C SER A 620 -9.35 5.53 -1.53
N ALA A 621 -9.01 4.57 -2.39
CA ALA A 621 -9.86 4.28 -3.55
C ALA A 621 -11.28 3.90 -3.18
N PRO A 622 -11.55 2.98 -2.25
CA PRO A 622 -12.94 2.71 -1.89
C PRO A 622 -13.66 3.93 -1.33
N GLU A 623 -12.97 4.73 -0.53
CA GLU A 623 -13.58 5.93 0.03
C GLU A 623 -13.86 6.95 -1.06
N MET A 624 -12.96 7.11 -2.01
CA MET A 624 -13.20 8.02 -3.13
C MET A 624 -14.41 7.58 -3.93
N THR A 625 -14.50 6.28 -4.23
CA THR A 625 -15.62 5.79 -5.02
C THR A 625 -16.95 5.98 -4.29
N VAL A 626 -16.98 5.65 -2.99
CA VAL A 626 -18.24 5.77 -2.26
C VAL A 626 -18.63 7.23 -2.09
N LEU A 627 -17.65 8.11 -1.89
CA LEU A 627 -17.97 9.54 -1.83
C LEU A 627 -18.54 10.05 -3.14
N VAL A 628 -17.96 9.63 -4.27
CA VAL A 628 -18.48 10.07 -5.56
C VAL A 628 -19.92 9.60 -5.74
N GLY A 629 -20.17 8.33 -5.42
CA GLY A 629 -21.52 7.81 -5.57
C GLY A 629 -22.52 8.52 -4.66
N GLY A 630 -22.14 8.73 -3.40
CA GLY A 630 -23.05 9.39 -2.48
C GLY A 630 -23.33 10.83 -2.86
N LEU A 631 -22.32 11.54 -3.33
CA LEU A 631 -22.53 12.93 -3.72
C LEU A 631 -23.41 13.02 -4.96
N ARG A 632 -23.21 12.12 -5.93
CA ARG A 632 -24.07 12.15 -7.11
C ARG A 632 -25.52 11.82 -6.76
N VAL A 633 -25.74 10.79 -5.93
CA VAL A 633 -27.11 10.40 -5.64
C VAL A 633 -27.79 11.43 -4.75
N LEU A 634 -27.09 11.94 -3.75
CA LEU A 634 -27.66 12.92 -2.84
C LEU A 634 -28.09 14.18 -3.59
N GLY A 635 -27.22 14.68 -4.44
CA GLY A 635 -27.40 15.94 -5.12
C GLY A 635 -26.46 16.97 -4.56
N ALA A 636 -25.30 17.11 -5.19
CA ALA A 636 -24.34 18.13 -4.79
C ALA A 636 -23.67 18.77 -5.98
N ASN A 637 -24.06 18.43 -7.21
CA ASN A 637 -23.34 18.89 -8.39
C ASN A 637 -23.40 20.41 -8.52
N TYR A 638 -22.31 20.96 -9.05
CA TYR A 638 -22.23 22.40 -9.32
C TYR A 638 -23.43 22.85 -10.15
N LYS A 639 -24.21 23.77 -9.59
CA LYS A 639 -25.41 24.33 -10.21
C LYS A 639 -26.50 23.30 -10.42
N ARG A 640 -26.46 22.19 -9.66
CA ARG A 640 -27.46 21.13 -9.73
C ARG A 640 -27.60 20.59 -11.16
N LEU A 641 -26.49 20.51 -11.87
CA LEU A 641 -26.50 19.90 -13.18
C LEU A 641 -26.84 18.42 -13.06
N PRO A 642 -27.79 17.91 -13.84
CA PRO A 642 -28.06 16.46 -13.80
C PRO A 642 -27.04 15.67 -14.60
N LEU A 643 -25.76 16.00 -14.43
CA LEU A 643 -24.66 15.31 -15.09
C LEU A 643 -24.06 14.34 -14.08
N GLY A 644 -24.60 13.12 -14.05
CA GLY A 644 -24.16 12.11 -13.12
C GLY A 644 -25.22 11.65 -12.16
N VAL A 645 -26.38 12.30 -12.12
CA VAL A 645 -27.45 11.86 -11.23
C VAL A 645 -28.13 10.69 -11.91
N PHE A 646 -27.66 9.48 -11.61
CA PHE A 646 -28.15 8.27 -12.26
C PHE A 646 -29.37 7.68 -11.56
N THR A 647 -29.78 8.22 -10.42
CA THR A 647 -30.99 7.75 -9.76
C THR A 647 -32.21 8.32 -10.49
N GLU A 648 -33.40 8.07 -9.93
CA GLU A 648 -34.61 8.66 -10.44
C GLU A 648 -35.44 9.32 -9.36
N ALA A 649 -35.05 9.20 -8.09
CA ALA A 649 -35.79 9.71 -6.94
C ALA A 649 -34.83 10.44 -6.01
N SER A 650 -34.09 11.39 -6.56
CA SER A 650 -33.02 12.11 -5.85
C SER A 650 -33.51 12.72 -4.54
N GLU A 651 -32.56 13.12 -3.69
CA GLU A 651 -32.78 13.40 -2.26
C GLU A 651 -33.10 12.10 -1.53
N SER A 652 -32.27 11.09 -1.74
CA SER A 652 -32.39 9.81 -1.06
C SER A 652 -31.07 9.06 -1.23
N LEU A 653 -30.48 8.63 -0.12
CA LEU A 653 -29.16 8.00 -0.14
C LEU A 653 -29.31 6.52 -0.49
N THR A 654 -29.45 6.26 -1.78
CA THR A 654 -29.39 4.91 -2.31
C THR A 654 -28.01 4.67 -2.92
N ASN A 655 -27.82 3.49 -3.49
CA ASN A 655 -26.62 3.18 -4.26
C ASN A 655 -26.92 3.10 -5.75
N ASP A 656 -27.95 3.83 -6.19
CA ASP A 656 -28.40 3.73 -7.58
C ASP A 656 -27.36 4.26 -8.57
N PHE A 657 -26.39 5.05 -8.11
CA PHE A 657 -25.31 5.45 -9.00
C PHE A 657 -24.48 4.25 -9.42
N PHE A 658 -24.21 3.33 -8.51
CA PHE A 658 -23.41 2.16 -8.82
C PHE A 658 -24.21 1.05 -9.49
N VAL A 659 -25.53 1.14 -9.51
CA VAL A 659 -26.35 0.10 -10.13
C VAL A 659 -26.66 0.44 -11.58
N ASN A 660 -27.04 1.69 -11.85
CA ASN A 660 -27.35 2.09 -13.22
C ASN A 660 -26.10 2.30 -14.06
N LEU A 661 -24.95 2.50 -13.42
CA LEU A 661 -23.71 2.64 -14.18
C LEU A 661 -23.25 1.32 -14.76
N LEU A 662 -23.30 0.25 -13.96
CA LEU A 662 -22.78 -1.04 -14.41
C LEU A 662 -23.73 -1.71 -15.40
N ASP A 663 -25.03 -1.47 -15.27
CA ASP A 663 -26.00 -2.07 -16.18
C ASP A 663 -25.64 -1.73 -17.62
N MET A 664 -25.50 -2.77 -18.44
CA MET A 664 -25.03 -2.61 -19.81
C MET A 664 -26.16 -2.59 -20.83
N GLY A 665 -27.42 -2.62 -20.39
CA GLY A 665 -28.51 -2.41 -21.32
C GLY A 665 -28.45 -1.04 -21.98
N ILE A 666 -27.94 -0.04 -21.25
CA ILE A 666 -27.74 1.29 -21.80
C ILE A 666 -26.41 1.33 -22.54
N THR A 667 -26.30 2.23 -23.51
CA THR A 667 -25.12 2.35 -24.34
C THR A 667 -24.57 3.76 -24.23
N TRP A 668 -23.27 3.88 -24.02
CA TRP A 668 -22.63 5.18 -23.88
C TRP A 668 -22.13 5.69 -25.22
N GLU A 669 -22.35 6.98 -25.47
CA GLU A 669 -21.94 7.60 -26.71
C GLU A 669 -21.71 9.08 -26.45
N PRO A 670 -20.69 9.69 -27.05
CA PRO A 670 -20.48 11.12 -26.88
C PRO A 670 -21.69 11.92 -27.34
N SER A 671 -21.98 13.00 -26.62
CA SER A 671 -23.14 13.81 -26.92
C SER A 671 -22.93 14.55 -28.24
N PRO A 672 -23.98 14.68 -29.07
CA PRO A 672 -23.81 15.41 -30.34
C PRO A 672 -23.40 16.87 -30.15
N ALA A 673 -23.77 17.50 -29.03
CA ALA A 673 -23.40 18.88 -28.80
C ALA A 673 -21.90 19.05 -28.61
N ASP A 674 -21.19 17.97 -28.27
CA ASP A 674 -19.73 17.98 -28.10
C ASP A 674 -19.30 19.06 -27.11
N ASP A 675 -19.76 18.89 -25.86
CA ASP A 675 -19.39 19.78 -24.77
C ASP A 675 -18.66 19.02 -23.65
N GLY A 676 -17.93 17.97 -24.02
CA GLY A 676 -17.21 17.18 -23.04
C GLY A 676 -18.08 16.31 -22.17
N THR A 677 -19.27 15.96 -22.62
CA THR A 677 -20.20 15.15 -21.86
C THR A 677 -20.49 13.86 -22.62
N TYR A 678 -21.44 13.09 -22.09
CA TYR A 678 -21.88 11.85 -22.72
C TYR A 678 -23.37 11.70 -22.48
N GLN A 679 -23.94 10.63 -23.00
CA GLN A 679 -25.35 10.33 -22.77
C GLN A 679 -25.60 8.86 -23.05
N GLY A 680 -26.55 8.28 -22.32
CA GLY A 680 -26.82 6.87 -22.45
C GLY A 680 -28.19 6.54 -22.99
N LYS A 681 -28.23 6.02 -24.21
CA LYS A 681 -29.48 5.58 -24.80
C LYS A 681 -29.91 4.25 -24.22
N ASP A 682 -31.22 4.02 -24.19
CA ASP A 682 -31.75 2.72 -23.81
C ASP A 682 -31.71 1.80 -25.03
N GLY A 683 -32.34 0.64 -24.92
CA GLY A 683 -32.45 -0.23 -26.08
C GLY A 683 -33.44 0.27 -27.12
N SER A 684 -34.40 1.11 -26.71
CA SER A 684 -35.37 1.65 -27.65
C SER A 684 -34.81 2.84 -28.41
N GLY A 685 -34.15 3.77 -27.72
CA GLY A 685 -33.60 4.94 -28.38
C GLY A 685 -33.73 6.20 -27.55
N LYS A 686 -34.72 6.24 -26.65
CA LYS A 686 -34.89 7.38 -25.78
C LYS A 686 -33.70 7.51 -24.83
N VAL A 687 -33.25 8.74 -24.63
CA VAL A 687 -32.11 9.00 -23.76
C VAL A 687 -32.57 8.94 -22.31
N LYS A 688 -31.87 8.15 -21.50
CA LYS A 688 -32.25 7.92 -20.12
C LYS A 688 -31.40 8.71 -19.13
N TRP A 689 -30.09 8.73 -19.30
CA TRP A 689 -29.19 9.37 -18.37
C TRP A 689 -28.35 10.42 -19.09
N THR A 690 -27.46 11.06 -18.33
CA THR A 690 -26.49 11.98 -18.91
C THR A 690 -25.25 11.93 -18.04
N GLY A 691 -24.30 11.09 -18.42
CA GLY A 691 -23.06 10.97 -17.68
C GLY A 691 -22.08 12.07 -18.03
N SER A 692 -20.94 12.05 -17.34
CA SER A 692 -19.86 12.98 -17.64
C SER A 692 -18.54 12.25 -17.71
N ARG A 693 -17.44 12.99 -17.82
CA ARG A 693 -16.13 12.35 -17.91
C ARG A 693 -15.56 11.96 -16.55
N VAL A 694 -16.22 12.35 -15.46
CA VAL A 694 -15.70 12.07 -14.12
C VAL A 694 -16.28 10.79 -13.52
N ASP A 695 -17.40 10.30 -14.04
CA ASP A 695 -17.98 9.04 -13.56
C ASP A 695 -17.90 7.91 -14.58
N LEU A 696 -17.93 8.22 -15.87
CA LEU A 696 -17.69 7.18 -16.86
C LEU A 696 -16.29 6.60 -16.72
N VAL A 697 -15.38 7.30 -16.07
CA VAL A 697 -14.09 6.68 -15.74
C VAL A 697 -14.29 5.59 -14.69
N PHE A 698 -15.22 5.81 -13.75
CA PHE A 698 -15.59 4.74 -12.84
C PHE A 698 -16.22 3.57 -13.59
N GLY A 699 -17.03 3.89 -14.59
CA GLY A 699 -17.67 2.84 -15.36
C GLY A 699 -16.88 2.24 -16.49
N SER A 700 -15.64 2.68 -16.71
CA SER A 700 -14.86 2.21 -17.85
C SER A 700 -13.41 1.88 -17.52
N ASN A 701 -12.97 2.08 -16.29
CA ASN A 701 -11.62 1.67 -15.90
C ASN A 701 -11.64 0.18 -15.58
N SER A 702 -10.56 -0.34 -15.00
CA SER A 702 -10.49 -1.76 -14.66
C SER A 702 -10.39 -2.02 -13.17
N GLU A 703 -9.81 -1.11 -12.39
CA GLU A 703 -9.86 -1.22 -10.95
C GLU A 703 -11.09 -0.54 -10.36
N LEU A 704 -11.41 0.65 -10.87
CA LEU A 704 -12.60 1.35 -10.40
C LEU A 704 -13.86 0.56 -10.70
N ARG A 705 -13.87 -0.20 -11.80
CA ARG A 705 -15.04 -1.03 -12.08
C ARG A 705 -15.21 -2.12 -11.03
N ALA A 706 -14.10 -2.70 -10.56
CA ALA A 706 -14.21 -3.68 -9.49
C ALA A 706 -14.66 -3.03 -8.19
N LEU A 707 -14.10 -1.87 -7.86
CA LEU A 707 -14.49 -1.19 -6.63
C LEU A 707 -15.91 -0.64 -6.71
N VAL A 708 -16.50 -0.58 -7.91
CA VAL A 708 -17.91 -0.24 -8.05
C VAL A 708 -18.78 -1.49 -7.96
N GLU A 709 -18.35 -2.59 -8.57
CA GLU A 709 -19.07 -3.85 -8.45
C GLU A 709 -19.16 -4.30 -7.01
N VAL A 710 -18.21 -3.89 -6.17
CA VAL A 710 -18.29 -4.22 -4.75
C VAL A 710 -19.52 -3.56 -4.12
N TYR A 711 -19.76 -2.29 -4.42
CA TYR A 711 -20.90 -1.57 -3.86
C TYR A 711 -22.15 -1.68 -4.69
N GLY A 712 -22.04 -2.08 -5.96
CA GLY A 712 -23.18 -2.13 -6.86
C GLY A 712 -23.91 -3.44 -6.90
N ALA A 713 -23.59 -4.38 -6.02
CA ALA A 713 -24.23 -5.68 -6.02
C ALA A 713 -25.62 -5.57 -5.43
N ASP A 714 -26.28 -6.71 -5.24
CA ASP A 714 -27.57 -6.77 -4.56
C ASP A 714 -27.33 -7.22 -3.12
N ASP A 715 -28.21 -6.76 -2.23
CA ASP A 715 -28.08 -7.00 -0.79
C ASP A 715 -26.79 -6.42 -0.23
N ALA A 716 -26.17 -5.50 -0.96
CA ALA A 716 -24.98 -4.80 -0.49
C ALA A 716 -25.23 -3.29 -0.40
N GLN A 717 -26.45 -2.92 -0.06
CA GLN A 717 -26.79 -1.53 0.23
C GLN A 717 -26.37 -1.12 1.64
N PRO A 718 -26.63 -1.93 2.68
CA PRO A 718 -26.15 -1.53 4.02
C PRO A 718 -24.65 -1.32 4.08
N LYS A 719 -23.88 -2.14 3.37
CA LYS A 719 -22.44 -1.92 3.33
C LYS A 719 -22.11 -0.57 2.71
N PHE A 720 -22.81 -0.20 1.63
CA PHE A 720 -22.56 1.09 0.99
C PHE A 720 -22.91 2.24 1.92
N VAL A 721 -24.04 2.15 2.62
CA VAL A 721 -24.43 3.23 3.51
C VAL A 721 -23.42 3.37 4.65
N GLN A 722 -23.01 2.25 5.24
CA GLN A 722 -22.01 2.32 6.31
C GLN A 722 -20.71 2.91 5.80
N ASP A 723 -20.27 2.51 4.61
CA ASP A 723 -19.01 3.02 4.09
C ASP A 723 -19.12 4.50 3.74
N PHE A 724 -20.27 4.94 3.25
CA PHE A 724 -20.42 6.36 2.95
C PHE A 724 -20.43 7.19 4.21
N VAL A 725 -21.13 6.75 5.25
CA VAL A 725 -21.12 7.51 6.50
C VAL A 725 -19.71 7.55 7.08
N ALA A 726 -18.98 6.44 7.00
CA ALA A 726 -17.61 6.43 7.51
C ALA A 726 -16.71 7.39 6.72
N ALA A 727 -16.84 7.38 5.39
CA ALA A 727 -16.01 8.28 4.57
C ALA A 727 -16.38 9.74 4.82
N TRP A 728 -17.66 10.04 4.96
CA TRP A 728 -18.09 11.40 5.27
C TRP A 728 -17.56 11.85 6.61
N ASP A 729 -17.63 10.99 7.62
CA ASP A 729 -17.11 11.33 8.94
C ASP A 729 -15.60 11.54 8.89
N LYS A 730 -14.89 10.73 8.10
CA LYS A 730 -13.45 10.92 7.97
C LYS A 730 -13.13 12.25 7.30
N VAL A 731 -13.89 12.62 6.27
CA VAL A 731 -13.58 13.85 5.55
C VAL A 731 -13.92 15.08 6.39
N MET A 732 -15.05 15.07 7.09
CA MET A 732 -15.38 16.18 7.98
C MET A 732 -14.35 16.37 9.09
N ASN A 733 -13.60 15.33 9.45
CA ASN A 733 -12.67 15.39 10.57
C ASN A 733 -11.23 15.37 10.09
N LEU A 734 -10.94 16.06 8.98
CA LEU A 734 -9.57 16.18 8.52
C LEU A 734 -8.82 17.23 9.32
N ASP A 735 -9.26 18.49 9.27
CA ASP A 735 -8.67 19.54 10.09
C ASP A 735 -9.45 19.71 11.39
N ARG A 736 -9.71 18.59 12.07
CA ARG A 736 -10.24 18.62 13.42
C ARG A 736 -9.42 17.68 14.28
N PHE A 737 -8.88 16.64 13.65
CA PHE A 737 -8.00 15.72 14.36
C PHE A 737 -6.75 16.43 14.86
N ASP A 738 -6.06 17.13 13.97
CA ASP A 738 -4.85 17.86 14.38
C ASP A 738 -5.14 19.30 14.75
N VAL A 739 -6.18 19.53 15.55
CA VAL A 739 -6.33 20.75 16.33
C VAL A 739 -6.80 20.34 17.72
N ARG A 740 -6.75 19.05 18.00
CA ARG A 740 -7.28 18.50 19.24
C ARG A 740 -6.47 17.30 19.68
N LEU B 43 15.62 -0.30 -7.81
CA LEU B 43 14.88 -1.00 -6.78
C LEU B 43 13.54 -0.34 -6.50
N ASN B 44 12.47 -1.04 -6.83
CA ASN B 44 11.10 -0.57 -6.57
C ASN B 44 10.50 -1.41 -5.44
N LEU B 45 10.49 -0.85 -4.23
CA LEU B 45 9.91 -1.57 -3.10
C LEU B 45 8.39 -1.65 -3.17
N LYS B 46 7.77 -0.97 -4.13
CA LYS B 46 6.32 -1.07 -4.28
C LYS B 46 5.88 -2.48 -4.66
N VAL B 47 6.79 -3.32 -5.14
CA VAL B 47 6.45 -4.70 -5.46
C VAL B 47 6.16 -5.50 -4.20
N LEU B 48 6.60 -5.01 -3.04
CA LEU B 48 6.45 -5.77 -1.80
C LEU B 48 5.05 -5.64 -1.22
N HIS B 49 4.54 -4.42 -1.12
CA HIS B 49 3.26 -4.15 -0.47
C HIS B 49 2.11 -4.12 -1.46
N GLN B 50 2.19 -4.88 -2.54
CA GLN B 50 1.07 -5.01 -3.47
C GLN B 50 -0.16 -5.53 -2.74
N ASN B 51 -1.32 -5.00 -3.12
CA ASN B 51 -2.60 -5.32 -2.50
C ASN B 51 -2.59 -5.02 -1.01
N PRO B 52 -2.53 -3.76 -0.61
CA PRO B 52 -2.66 -3.43 0.82
C PRO B 52 -4.11 -3.55 1.26
N ALA B 53 -4.30 -3.55 2.58
CA ALA B 53 -5.64 -3.52 3.13
C ALA B 53 -6.33 -2.17 2.92
N VAL B 54 -5.59 -1.14 2.54
CA VAL B 54 -6.18 0.17 2.31
C VAL B 54 -7.05 0.16 1.06
N ALA B 55 -6.60 -0.53 0.02
CA ALA B 55 -7.34 -0.61 -1.24
C ALA B 55 -8.40 -1.70 -1.24
N ASP B 56 -8.54 -2.44 -0.13
CA ASP B 56 -9.51 -3.51 -0.05
C ASP B 56 -10.84 -2.96 0.46
N PRO B 57 -11.90 -2.92 -0.35
CA PRO B 57 -13.17 -2.36 0.15
C PRO B 57 -13.92 -3.30 1.07
N MET B 58 -13.47 -4.53 1.27
CA MET B 58 -14.15 -5.49 2.12
C MET B 58 -13.68 -5.43 3.57
N GLY B 59 -12.70 -4.59 3.89
CA GLY B 59 -12.20 -4.51 5.25
C GLY B 59 -11.22 -5.61 5.56
N ALA B 60 -10.65 -5.54 6.76
CA ALA B 60 -9.72 -6.54 7.24
C ALA B 60 -10.39 -7.69 7.95
N ALA B 61 -11.71 -7.62 8.15
CA ALA B 61 -12.46 -8.67 8.84
C ALA B 61 -13.19 -9.59 7.88
N PHE B 62 -12.89 -9.51 6.58
CA PHE B 62 -13.57 -10.31 5.57
C PHE B 62 -12.67 -11.47 5.17
N ASP B 63 -13.02 -12.68 5.62
CA ASP B 63 -12.31 -13.90 5.25
C ASP B 63 -13.13 -14.64 4.22
N TYR B 64 -12.52 -14.96 3.08
CA TYR B 64 -13.26 -15.61 2.00
C TYR B 64 -13.69 -17.02 2.37
N ALA B 65 -12.85 -17.75 3.10
CA ALA B 65 -13.15 -19.14 3.41
C ALA B 65 -14.43 -19.30 4.24
N ALA B 66 -14.86 -18.26 4.93
CA ALA B 66 -16.07 -18.34 5.74
C ALA B 66 -17.31 -17.88 4.99
N GLU B 67 -17.18 -17.45 3.74
CA GLU B 67 -18.31 -16.98 2.95
C GLU B 67 -18.71 -17.93 1.84
N VAL B 68 -17.74 -18.40 1.04
CA VAL B 68 -18.04 -19.21 -0.14
C VAL B 68 -18.57 -20.58 0.21
N ALA B 69 -18.55 -20.96 1.48
CA ALA B 69 -19.15 -22.22 1.91
C ALA B 69 -20.65 -22.10 2.17
N THR B 70 -21.23 -20.92 2.01
CA THR B 70 -22.65 -20.70 2.28
C THR B 70 -23.49 -20.58 1.03
N ILE B 71 -22.88 -20.59 -0.16
CA ILE B 71 -23.62 -20.49 -1.41
C ILE B 71 -23.96 -21.89 -1.90
N ASP B 72 -25.22 -22.10 -2.26
CA ASP B 72 -25.68 -23.41 -2.72
C ASP B 72 -25.35 -23.54 -4.20
N VAL B 73 -24.29 -24.30 -4.50
CA VAL B 73 -23.89 -24.53 -5.89
C VAL B 73 -24.91 -25.34 -6.66
N ASP B 74 -25.96 -25.83 -6.00
CA ASP B 74 -27.10 -26.42 -6.69
C ASP B 74 -28.06 -25.37 -7.20
N ALA B 75 -27.91 -24.11 -6.78
CA ALA B 75 -28.69 -23.00 -7.29
C ALA B 75 -27.89 -22.06 -8.18
N LEU B 76 -26.59 -21.89 -7.90
CA LEU B 76 -25.75 -21.09 -8.78
C LEU B 76 -25.64 -21.73 -10.16
N THR B 77 -25.52 -23.06 -10.21
CA THR B 77 -25.43 -23.75 -11.49
C THR B 77 -26.75 -23.79 -12.23
N ARG B 78 -27.86 -23.46 -11.57
CA ARG B 78 -29.13 -23.25 -12.25
C ARG B 78 -29.33 -21.81 -12.68
N ASP B 79 -28.31 -20.97 -12.49
CA ASP B 79 -28.32 -19.59 -12.96
C ASP B 79 -27.36 -19.36 -14.11
N ILE B 80 -26.12 -19.86 -14.01
CA ILE B 80 -25.21 -19.83 -15.14
C ILE B 80 -25.77 -20.65 -16.29
N GLU B 81 -26.62 -21.62 -15.99
CA GLU B 81 -27.35 -22.32 -17.05
C GLU B 81 -28.44 -21.45 -17.66
N GLU B 82 -28.68 -20.26 -17.10
CA GLU B 82 -29.62 -19.30 -17.67
C GLU B 82 -28.97 -18.05 -18.22
N VAL B 83 -27.78 -17.68 -17.74
CA VAL B 83 -27.05 -16.58 -18.34
C VAL B 83 -26.71 -16.91 -19.78
N MET B 84 -26.27 -18.15 -20.02
CA MET B 84 -26.19 -18.63 -21.39
C MET B 84 -27.58 -19.04 -21.86
N THR B 85 -27.70 -19.30 -23.17
CA THR B 85 -28.98 -19.53 -23.82
C THR B 85 -29.92 -18.33 -23.64
N THR B 86 -29.35 -17.14 -23.57
CA THR B 86 -30.13 -15.90 -23.45
C THR B 86 -29.32 -14.80 -24.13
N SER B 87 -29.72 -14.45 -25.35
CA SER B 87 -28.97 -13.48 -26.14
C SER B 87 -29.10 -12.09 -25.53
N GLN B 88 -28.08 -11.27 -25.78
CA GLN B 88 -28.03 -9.89 -25.35
C GLN B 88 -27.85 -8.98 -26.55
N PRO B 89 -28.26 -7.71 -26.46
CA PRO B 89 -28.12 -6.83 -27.62
C PRO B 89 -26.67 -6.46 -27.92
N TRP B 90 -25.88 -6.15 -26.90
CA TRP B 90 -24.52 -5.66 -27.13
C TRP B 90 -23.58 -6.76 -27.57
N TRP B 91 -23.80 -8.01 -27.15
CA TRP B 91 -22.94 -9.13 -27.52
C TRP B 91 -23.81 -10.27 -28.01
N PRO B 92 -24.28 -10.18 -29.26
CA PRO B 92 -25.14 -11.25 -29.79
C PRO B 92 -24.38 -12.56 -29.93
N ALA B 93 -25.10 -13.67 -29.74
CA ALA B 93 -24.55 -15.01 -29.94
C ALA B 93 -25.26 -15.75 -31.06
N ASP B 94 -26.59 -15.78 -31.03
CA ASP B 94 -27.46 -16.38 -32.05
C ASP B 94 -27.04 -17.79 -32.45
N TYR B 95 -26.32 -18.48 -31.58
CA TYR B 95 -26.10 -19.92 -31.70
C TYR B 95 -26.84 -20.71 -30.64
N GLY B 96 -27.61 -20.05 -29.79
CA GLY B 96 -28.29 -20.69 -28.70
C GLY B 96 -27.47 -20.91 -27.46
N HIS B 97 -26.23 -20.42 -27.42
CA HIS B 97 -25.35 -20.66 -26.29
C HIS B 97 -24.24 -19.64 -26.25
N TYR B 98 -24.00 -19.07 -25.08
CA TYR B 98 -22.67 -18.57 -24.74
C TYR B 98 -21.87 -19.68 -24.08
N GLY B 99 -21.89 -20.86 -24.69
CA GLY B 99 -21.21 -22.01 -24.16
C GLY B 99 -19.77 -22.09 -24.61
N PRO B 100 -19.56 -22.12 -25.92
CA PRO B 100 -18.19 -22.16 -26.43
C PRO B 100 -17.48 -20.82 -26.30
N LEU B 101 -18.06 -19.90 -25.55
CA LEU B 101 -17.37 -18.66 -25.21
C LEU B 101 -16.93 -18.60 -23.75
N PHE B 102 -17.64 -19.30 -22.86
CA PHE B 102 -17.17 -19.38 -21.48
C PHE B 102 -15.98 -20.32 -21.34
N ILE B 103 -15.91 -21.37 -22.17
CA ILE B 103 -14.73 -22.23 -22.16
C ILE B 103 -13.51 -21.45 -22.61
N ARG B 104 -13.62 -20.71 -23.70
CA ARG B 104 -12.51 -19.87 -24.14
C ARG B 104 -12.29 -18.68 -23.27
N MET B 105 -13.03 -18.55 -22.16
CA MET B 105 -12.74 -17.52 -21.17
C MET B 105 -12.14 -18.09 -19.90
N ALA B 106 -12.10 -19.41 -19.75
CA ALA B 106 -11.29 -20.06 -18.74
C ALA B 106 -9.96 -20.54 -19.29
N TRP B 107 -9.93 -21.02 -20.53
CA TRP B 107 -8.69 -21.42 -21.16
C TRP B 107 -7.82 -20.21 -21.48
N HIS B 108 -8.43 -19.07 -21.79
CA HIS B 108 -7.68 -17.85 -22.06
C HIS B 108 -7.43 -17.02 -20.81
N ALA B 109 -7.84 -17.50 -19.65
CA ALA B 109 -7.60 -16.82 -18.38
C ALA B 109 -6.79 -17.64 -17.40
N ALA B 110 -7.01 -18.95 -17.35
CA ALA B 110 -6.22 -19.84 -16.52
C ALA B 110 -5.14 -20.58 -17.31
N GLY B 111 -4.93 -20.19 -18.56
CA GLY B 111 -3.88 -20.75 -19.39
C GLY B 111 -2.67 -19.87 -19.52
N THR B 112 -2.49 -18.88 -18.66
CA THR B 112 -1.31 -18.02 -18.62
C THR B 112 -0.51 -18.26 -17.34
N TYR B 113 -0.41 -19.52 -16.93
CA TYR B 113 0.29 -19.90 -15.72
C TYR B 113 1.74 -20.23 -16.08
N ARG B 114 2.65 -19.31 -15.77
CA ARG B 114 4.07 -19.55 -15.98
C ARG B 114 4.62 -20.43 -14.87
N ILE B 115 5.47 -21.37 -15.23
CA ILE B 115 5.93 -22.36 -14.26
C ILE B 115 7.20 -21.95 -13.53
N HIS B 116 8.06 -21.15 -14.17
CA HIS B 116 9.37 -20.92 -13.58
C HIS B 116 9.29 -20.05 -12.32
N ASP B 117 8.33 -19.14 -12.25
CA ASP B 117 8.12 -18.35 -11.05
C ASP B 117 6.73 -18.46 -10.48
N GLY B 118 5.83 -19.18 -11.15
CA GLY B 118 4.54 -19.52 -10.58
C GLY B 118 3.47 -18.46 -10.71
N ARG B 119 3.80 -17.25 -11.15
CA ARG B 119 2.81 -16.19 -11.18
C ARG B 119 1.83 -16.43 -12.32
N GLY B 120 0.83 -15.55 -12.41
CA GLY B 120 -0.21 -15.71 -13.40
C GLY B 120 -1.15 -16.85 -13.02
N GLY B 121 -2.11 -17.09 -13.91
CA GLY B 121 -3.03 -18.19 -13.73
C GLY B 121 -4.37 -17.77 -13.17
N ALA B 122 -5.00 -18.71 -12.48
CA ALA B 122 -6.39 -18.52 -12.04
C ALA B 122 -6.50 -17.44 -10.98
N GLY B 123 -5.79 -17.59 -9.87
CA GLY B 123 -5.96 -16.71 -8.73
C GLY B 123 -5.55 -15.27 -8.98
N GLY B 124 -4.78 -15.01 -10.03
CA GLY B 124 -4.31 -13.67 -10.33
C GLY B 124 -5.39 -12.70 -10.73
N LEU B 141 -10.42 -12.47 -23.37
CA LEU B 141 -11.59 -11.60 -23.34
C LEU B 141 -11.63 -10.79 -22.06
N ASP B 142 -11.84 -9.49 -22.19
CA ASP B 142 -11.89 -8.58 -21.05
C ASP B 142 -13.21 -7.83 -20.95
N LYS B 143 -13.78 -7.41 -22.08
CA LYS B 143 -15.09 -6.80 -22.10
C LYS B 143 -16.21 -7.82 -22.27
N ALA B 144 -15.88 -9.11 -22.26
CA ALA B 144 -16.87 -10.16 -22.37
C ALA B 144 -17.24 -10.77 -21.02
N ARG B 145 -16.47 -10.49 -19.98
CA ARG B 145 -16.87 -10.92 -18.62
C ARG B 145 -17.79 -9.88 -17.99
N ARG B 146 -18.79 -9.48 -18.76
CA ARG B 146 -19.91 -8.71 -18.27
C ARG B 146 -21.24 -9.36 -18.57
N LEU B 147 -21.25 -10.41 -19.42
CA LEU B 147 -22.40 -11.30 -19.49
C LEU B 147 -22.65 -11.97 -18.16
N LEU B 148 -21.63 -12.10 -17.33
CA LEU B 148 -21.74 -12.76 -16.03
C LEU B 148 -22.13 -11.80 -14.92
N TRP B 149 -22.26 -10.50 -15.21
CA TRP B 149 -22.79 -9.59 -14.20
C TRP B 149 -24.18 -10.00 -13.70
N PRO B 150 -25.13 -10.42 -14.56
CA PRO B 150 -26.45 -10.79 -14.04
C PRO B 150 -26.46 -11.99 -13.11
N VAL B 151 -25.30 -12.59 -12.83
CA VAL B 151 -25.23 -13.65 -11.84
C VAL B 151 -24.22 -13.38 -10.74
N LYS B 152 -23.37 -12.37 -10.85
CA LYS B 152 -22.54 -11.97 -9.73
C LYS B 152 -23.22 -10.93 -8.84
N LYS B 153 -24.15 -10.16 -9.38
CA LYS B 153 -24.77 -9.12 -8.56
C LYS B 153 -25.72 -9.70 -7.52
N LYS B 154 -26.23 -10.91 -7.73
CA LYS B 154 -27.04 -11.54 -6.70
C LYS B 154 -26.24 -12.01 -5.51
N TYR B 155 -24.92 -12.18 -5.67
CA TYR B 155 -24.05 -12.66 -4.60
C TYR B 155 -23.10 -11.60 -4.10
N GLY B 156 -22.29 -11.02 -4.97
CA GLY B 156 -21.44 -9.91 -4.56
C GLY B 156 -20.14 -10.33 -3.92
N LYS B 157 -20.12 -10.28 -2.58
CA LYS B 157 -18.89 -10.60 -1.85
C LYS B 157 -18.66 -12.09 -1.72
N LYS B 158 -19.72 -12.90 -1.82
CA LYS B 158 -19.61 -14.33 -1.59
C LYS B 158 -19.06 -15.10 -2.78
N LEU B 159 -18.80 -14.43 -3.91
CA LEU B 159 -18.37 -15.14 -5.12
C LEU B 159 -17.43 -14.21 -5.89
N SER B 160 -16.13 -14.40 -5.68
CA SER B 160 -15.15 -13.56 -6.33
C SER B 160 -15.21 -13.74 -7.84
N TRP B 161 -14.60 -12.79 -8.56
CA TRP B 161 -14.70 -12.81 -10.02
C TRP B 161 -13.98 -14.00 -10.62
N ALA B 162 -12.83 -14.39 -10.06
CA ALA B 162 -12.08 -15.52 -10.61
C ALA B 162 -12.90 -16.81 -10.49
N ASP B 163 -13.46 -17.05 -9.31
CA ASP B 163 -14.30 -18.24 -9.14
C ASP B 163 -15.48 -18.21 -10.08
N LEU B 164 -16.08 -17.04 -10.29
CA LEU B 164 -17.24 -16.97 -11.17
C LEU B 164 -16.87 -17.26 -12.61
N ILE B 165 -15.78 -16.67 -13.10
CA ILE B 165 -15.36 -16.92 -14.48
C ILE B 165 -15.07 -18.39 -14.69
N VAL B 166 -14.28 -18.98 -13.78
CA VAL B 166 -13.86 -20.36 -13.97
C VAL B 166 -15.03 -21.31 -13.79
N PHE B 167 -15.93 -21.03 -12.85
CA PHE B 167 -17.09 -21.87 -12.65
C PHE B 167 -18.08 -21.73 -13.80
N ALA B 168 -18.17 -20.56 -14.41
CA ALA B 168 -18.95 -20.43 -15.63
C ALA B 168 -18.38 -21.30 -16.73
N GLY B 169 -17.06 -21.31 -16.86
CA GLY B 169 -16.43 -22.21 -17.83
C GLY B 169 -16.76 -23.66 -17.56
N ASN B 170 -16.62 -24.09 -16.31
CA ASN B 170 -16.88 -25.48 -15.96
C ASN B 170 -18.36 -25.83 -16.16
N CYS B 171 -19.26 -24.92 -15.79
CA CYS B 171 -20.68 -25.21 -15.91
C CYS B 171 -21.13 -25.20 -17.36
N ALA B 172 -20.50 -24.39 -18.21
CA ALA B 172 -20.71 -24.54 -19.64
C ALA B 172 -20.26 -25.92 -20.11
N LEU B 173 -19.03 -26.30 -19.75
CA LEU B 173 -18.51 -27.60 -20.13
C LEU B 173 -19.42 -28.73 -19.68
N GLU B 174 -20.07 -28.58 -18.54
CA GLU B 174 -21.03 -29.56 -18.07
C GLU B 174 -22.38 -29.43 -18.76
N SER B 175 -22.69 -28.25 -19.30
CA SER B 175 -23.94 -28.06 -20.02
C SER B 175 -23.90 -28.67 -21.41
N MET B 176 -22.73 -28.66 -22.08
CA MET B 176 -22.65 -29.26 -23.40
C MET B 176 -22.57 -30.78 -23.38
N GLY B 177 -22.93 -31.43 -22.28
CA GLY B 177 -22.99 -32.87 -22.25
C GLY B 177 -21.67 -33.52 -21.90
N PHE B 178 -21.14 -33.19 -20.73
CA PHE B 178 -19.85 -33.70 -20.28
C PHE B 178 -19.84 -33.70 -18.77
N LYS B 179 -19.24 -34.74 -18.18
CA LYS B 179 -19.19 -34.89 -16.72
C LYS B 179 -17.78 -34.56 -16.25
N THR B 180 -17.59 -33.33 -15.80
CA THR B 180 -16.26 -32.89 -15.37
C THR B 180 -15.89 -33.59 -14.06
N PHE B 181 -14.59 -33.61 -13.77
CA PHE B 181 -14.09 -34.35 -12.61
C PHE B 181 -14.59 -33.73 -11.31
N GLY B 182 -14.49 -32.41 -11.19
CA GLY B 182 -14.97 -31.73 -10.00
C GLY B 182 -14.44 -30.32 -9.94
N PHE B 183 -15.03 -29.55 -9.02
CA PHE B 183 -14.68 -28.14 -8.86
C PHE B 183 -14.47 -27.83 -7.38
N GLY B 184 -13.53 -26.93 -7.12
CA GLY B 184 -13.33 -26.39 -5.79
C GLY B 184 -13.15 -24.88 -5.82
N PHE B 185 -13.86 -24.17 -4.95
CA PHE B 185 -13.78 -22.72 -4.89
C PHE B 185 -12.54 -22.30 -4.12
N GLY B 186 -12.44 -21.02 -3.79
CA GLY B 186 -11.42 -20.53 -2.88
C GLY B 186 -10.42 -19.56 -3.47
N ARG B 187 -10.46 -19.27 -4.77
CA ARG B 187 -9.49 -18.34 -5.35
C ARG B 187 -9.89 -16.92 -4.95
N VAL B 188 -9.27 -16.41 -3.90
CA VAL B 188 -9.50 -15.02 -3.50
C VAL B 188 -8.93 -14.10 -4.59
N ASP B 189 -9.61 -12.97 -4.79
CA ASP B 189 -9.26 -12.05 -5.87
C ASP B 189 -8.47 -10.85 -5.34
N GLN B 190 -7.40 -10.50 -6.06
CA GLN B 190 -6.62 -9.32 -5.70
C GLN B 190 -7.37 -8.06 -6.10
N TRP B 191 -6.84 -6.92 -5.67
CA TRP B 191 -7.47 -5.63 -5.89
C TRP B 191 -6.57 -4.70 -6.70
N GLU B 192 -5.99 -5.22 -7.77
CA GLU B 192 -5.20 -4.41 -8.69
C GLU B 192 -5.49 -4.80 -10.12
N PRO B 241 2.66 -29.11 -40.63
CA PRO B 241 3.59 -28.09 -40.13
C PRO B 241 4.12 -28.43 -38.74
N MET B 242 5.25 -29.15 -38.70
CA MET B 242 5.84 -29.54 -37.42
C MET B 242 6.31 -28.35 -36.61
N ALA B 243 6.55 -27.20 -37.24
CA ALA B 243 6.95 -26.01 -36.49
C ALA B 243 5.86 -25.58 -35.53
N ALA B 244 4.62 -25.55 -35.99
CA ALA B 244 3.51 -25.25 -35.09
C ALA B 244 3.36 -26.34 -34.03
N ALA B 245 3.68 -27.59 -34.37
CA ALA B 245 3.61 -28.65 -33.39
C ALA B 245 4.60 -28.42 -32.25
N VAL B 246 5.84 -28.09 -32.58
CA VAL B 246 6.81 -27.84 -31.51
C VAL B 246 6.47 -26.56 -30.77
N ASP B 247 5.85 -25.59 -31.45
CA ASP B 247 5.43 -24.37 -30.76
C ASP B 247 4.38 -24.67 -29.71
N ILE B 248 3.33 -25.43 -30.07
CA ILE B 248 2.30 -25.74 -29.09
C ILE B 248 2.84 -26.68 -28.02
N ARG B 249 3.82 -27.52 -28.36
CA ARG B 249 4.46 -28.33 -27.34
C ARG B 249 5.19 -27.48 -26.31
N GLU B 250 5.90 -26.44 -26.79
CA GLU B 250 6.66 -25.61 -25.87
C GLU B 250 5.76 -24.69 -25.06
N THR B 251 4.73 -24.11 -25.67
CA THR B 251 3.82 -23.25 -24.92
C THR B 251 2.97 -24.02 -23.93
N PHE B 252 2.92 -25.34 -24.04
CA PHE B 252 2.30 -26.19 -23.02
C PHE B 252 3.33 -26.84 -22.12
N ARG B 253 4.60 -26.45 -22.25
CA ARG B 253 5.64 -26.86 -21.31
C ARG B 253 5.99 -25.77 -20.31
N ARG B 254 5.72 -24.51 -20.65
CA ARG B 254 5.80 -23.44 -19.66
C ARG B 254 4.65 -23.52 -18.66
N MET B 255 3.67 -24.38 -18.92
CA MET B 255 2.55 -24.61 -18.02
C MET B 255 2.62 -25.96 -17.31
N ALA B 256 3.64 -26.75 -17.62
CA ALA B 256 3.88 -28.05 -16.99
C ALA B 256 2.72 -29.01 -17.22
N MET B 257 2.49 -29.33 -18.50
CA MET B 257 1.59 -30.40 -18.89
C MET B 257 2.30 -31.30 -19.90
N ASN B 258 2.33 -32.60 -19.62
CA ASN B 258 2.97 -33.54 -20.51
C ASN B 258 2.20 -33.65 -21.83
N ASP B 259 2.74 -34.45 -22.74
CA ASP B 259 2.20 -34.54 -24.09
C ASP B 259 0.93 -35.37 -24.18
N VAL B 260 0.48 -35.98 -23.09
CA VAL B 260 -0.81 -36.66 -23.06
C VAL B 260 -1.88 -35.78 -22.44
N GLU B 261 -1.50 -34.70 -21.75
CA GLU B 261 -2.46 -33.72 -21.26
C GLU B 261 -2.40 -32.41 -22.05
N THR B 262 -1.73 -32.41 -23.20
CA THR B 262 -1.82 -31.31 -24.14
C THR B 262 -2.25 -31.75 -25.53
N ALA B 263 -2.32 -33.05 -25.79
CA ALA B 263 -3.04 -33.58 -26.93
C ALA B 263 -4.43 -34.04 -26.54
N ALA B 264 -4.83 -33.81 -25.29
CA ALA B 264 -6.20 -34.05 -24.84
C ALA B 264 -6.93 -32.77 -24.49
N LEU B 265 -6.21 -31.66 -24.29
CA LEU B 265 -6.86 -30.35 -24.26
C LEU B 265 -7.22 -29.87 -25.64
N ILE B 266 -6.39 -30.18 -26.64
CA ILE B 266 -6.60 -29.66 -27.98
C ILE B 266 -7.60 -30.51 -28.78
N VAL B 267 -7.71 -31.80 -28.49
CA VAL B 267 -8.80 -32.61 -29.03
C VAL B 267 -9.95 -32.47 -28.05
N GLY B 268 -9.79 -31.57 -27.09
CA GLY B 268 -10.78 -31.23 -26.09
C GLY B 268 -11.50 -29.96 -26.48
N GLY B 269 -11.04 -28.82 -25.97
CA GLY B 269 -11.73 -27.58 -26.24
C GLY B 269 -11.54 -27.12 -27.67
N HIS B 270 -11.71 -28.06 -28.61
CA HIS B 270 -11.98 -27.75 -30.00
C HIS B 270 -13.01 -28.69 -30.60
N THR B 271 -13.57 -29.61 -29.81
CA THR B 271 -14.80 -30.28 -30.18
C THR B 271 -16.01 -29.38 -29.94
N PHE B 272 -15.94 -28.56 -28.89
CA PHE B 272 -17.01 -27.61 -28.57
C PHE B 272 -16.77 -26.27 -29.26
N ASP B 329 -15.84 -38.64 -26.91
CA ASP B 329 -15.68 -37.40 -27.66
C ASP B 329 -15.01 -37.65 -29.01
N ASN B 330 -15.61 -38.48 -29.85
CA ASN B 330 -15.06 -38.78 -31.17
C ASN B 330 -15.70 -37.89 -32.24
N SER B 331 -15.47 -36.59 -32.12
CA SER B 331 -15.99 -35.62 -33.08
C SER B 331 -14.89 -34.85 -33.78
N PHE B 332 -13.93 -34.31 -33.03
CA PHE B 332 -12.76 -33.70 -33.67
C PHE B 332 -11.98 -34.76 -34.43
N LEU B 333 -11.76 -35.90 -33.81
CA LEU B 333 -11.29 -37.07 -34.54
C LEU B 333 -12.43 -37.66 -35.36
N GLU B 334 -12.08 -38.64 -36.20
CA GLU B 334 -12.91 -39.20 -37.25
C GLU B 334 -13.15 -38.19 -38.36
N ILE B 335 -12.68 -36.95 -38.20
CA ILE B 335 -12.46 -36.02 -39.29
C ILE B 335 -10.99 -35.79 -39.52
N LEU B 336 -10.26 -35.48 -38.45
CA LEU B 336 -8.81 -35.44 -38.52
C LEU B 336 -8.29 -36.81 -38.89
N TYR B 337 -7.70 -36.91 -40.09
CA TYR B 337 -7.45 -38.18 -40.79
C TYR B 337 -8.65 -39.11 -40.69
N GLY B 338 -9.84 -38.53 -40.75
CA GLY B 338 -11.10 -39.23 -40.95
C GLY B 338 -11.53 -39.09 -42.39
N TYR B 339 -12.39 -38.11 -42.67
CA TYR B 339 -12.60 -37.67 -44.06
C TYR B 339 -11.33 -36.94 -44.45
N GLU B 340 -10.32 -37.73 -44.84
CA GLU B 340 -8.94 -37.27 -44.87
C GLU B 340 -8.78 -36.08 -45.82
N TRP B 341 -7.89 -35.17 -45.43
CA TRP B 341 -7.73 -33.90 -46.15
C TRP B 341 -7.18 -34.13 -47.55
N GLU B 342 -7.39 -33.14 -48.40
CA GLU B 342 -6.78 -33.08 -49.72
C GLU B 342 -5.41 -32.39 -49.70
N LEU B 343 -4.74 -32.43 -48.54
CA LEU B 343 -3.45 -31.78 -48.27
C LEU B 343 -3.55 -30.27 -48.18
N THR B 344 -4.76 -29.72 -48.14
CA THR B 344 -4.97 -28.29 -47.94
C THR B 344 -6.40 -28.02 -47.50
N LEU B 378 -5.63 -26.47 -42.10
CA LEU B 378 -6.70 -26.07 -41.19
C LEU B 378 -6.29 -24.89 -40.32
N ALA B 379 -5.33 -25.12 -39.43
CA ALA B 379 -4.89 -24.10 -38.49
C ALA B 379 -3.52 -24.52 -37.94
N THR B 380 -3.11 -23.89 -36.85
CA THR B 380 -1.94 -24.34 -36.12
C THR B 380 -2.15 -25.75 -35.57
N ASP B 381 -3.39 -26.22 -35.55
CA ASP B 381 -3.69 -27.62 -35.29
C ASP B 381 -3.37 -28.42 -36.55
N LEU B 382 -3.89 -29.64 -36.65
CA LEU B 382 -3.55 -30.60 -37.70
C LEU B 382 -2.13 -31.10 -37.45
N SER B 383 -1.46 -30.54 -36.45
CA SER B 383 -0.19 -31.07 -36.00
C SER B 383 -0.35 -32.45 -35.40
N LEU B 384 -1.51 -32.73 -34.83
CA LEU B 384 -1.77 -33.98 -34.12
C LEU B 384 -1.84 -35.19 -35.05
N ARG B 385 -1.71 -34.99 -36.36
CA ARG B 385 -1.67 -36.10 -37.30
C ARG B 385 -0.36 -36.20 -38.05
N VAL B 386 0.46 -35.16 -38.08
CA VAL B 386 1.73 -35.17 -38.78
C VAL B 386 2.90 -35.39 -37.83
N ASP B 387 2.89 -34.74 -36.68
CA ASP B 387 3.98 -34.88 -35.72
C ASP B 387 4.03 -36.32 -35.19
N PRO B 388 5.15 -37.02 -35.32
CA PRO B 388 5.19 -38.41 -34.84
C PRO B 388 5.02 -38.56 -33.34
N ILE B 389 5.24 -37.50 -32.55
CA ILE B 389 5.05 -37.59 -31.11
C ILE B 389 3.56 -37.62 -30.79
N TYR B 390 2.80 -36.70 -31.37
CA TYR B 390 1.37 -36.64 -31.09
C TYR B 390 0.60 -37.72 -31.84
N GLU B 391 1.00 -38.04 -33.07
CA GLU B 391 0.24 -38.98 -33.87
C GLU B 391 0.21 -40.38 -33.27
N ARG B 392 1.17 -40.72 -32.40
CA ARG B 392 1.15 -42.04 -31.80
C ARG B 392 0.13 -42.16 -30.68
N ILE B 393 -0.26 -41.05 -30.06
CA ILE B 393 -1.26 -41.08 -28.99
C ILE B 393 -2.63 -40.67 -29.51
N THR B 394 -2.72 -39.57 -30.26
CA THR B 394 -4.03 -39.12 -30.72
C THR B 394 -4.38 -39.92 -31.98
N ARG B 395 -4.21 -41.24 -31.88
CA ARG B 395 -4.83 -42.18 -32.79
C ARG B 395 -5.42 -43.37 -32.08
N ARG B 396 -4.97 -43.70 -30.88
CA ARG B 396 -5.63 -44.72 -30.07
C ARG B 396 -7.02 -44.24 -29.67
N TRP B 397 -7.17 -42.93 -29.42
CA TRP B 397 -8.44 -42.39 -28.99
C TRP B 397 -9.50 -42.44 -30.07
N LEU B 398 -9.11 -42.62 -31.33
CA LEU B 398 -10.09 -42.66 -32.41
C LEU B 398 -11.00 -43.87 -32.29
N GLU B 399 -10.45 -45.02 -31.87
CA GLU B 399 -11.24 -46.24 -31.72
C GLU B 399 -11.50 -46.61 -30.27
N HIS B 400 -10.95 -45.86 -29.32
CA HIS B 400 -11.20 -46.06 -27.89
C HIS B 400 -11.45 -44.72 -27.23
N PRO B 401 -12.59 -44.08 -27.50
CA PRO B 401 -12.87 -42.78 -26.86
C PRO B 401 -13.02 -42.87 -25.36
N GLU B 402 -13.23 -44.06 -24.81
CA GLU B 402 -13.43 -44.20 -23.37
C GLU B 402 -12.24 -43.68 -22.58
N GLU B 403 -11.04 -43.73 -23.16
CA GLU B 403 -9.85 -43.19 -22.52
C GLU B 403 -9.51 -41.78 -23.01
N LEU B 404 -10.44 -41.12 -23.69
CA LEU B 404 -10.32 -39.70 -23.99
C LEU B 404 -11.21 -38.84 -23.10
N ALA B 405 -12.43 -39.29 -22.84
CA ALA B 405 -13.33 -38.53 -21.97
C ALA B 405 -12.70 -38.35 -20.59
N ASP B 406 -12.27 -39.44 -19.97
CA ASP B 406 -11.57 -39.33 -18.69
C ASP B 406 -10.07 -39.24 -18.87
N GLU B 407 -9.67 -38.41 -19.81
CA GLU B 407 -8.35 -37.79 -19.88
C GLU B 407 -8.48 -36.29 -20.09
N PHE B 408 -9.42 -35.84 -20.92
CA PHE B 408 -9.78 -34.44 -20.92
C PHE B 408 -10.44 -34.04 -19.61
N ALA B 409 -11.11 -34.98 -18.94
CA ALA B 409 -11.75 -34.67 -17.67
C ALA B 409 -10.72 -34.29 -16.62
N LYS B 410 -9.61 -35.03 -16.54
CA LYS B 410 -8.58 -34.77 -15.55
C LYS B 410 -7.44 -33.92 -16.09
N ALA B 411 -7.47 -33.56 -17.37
CA ALA B 411 -6.61 -32.50 -17.88
C ALA B 411 -7.33 -31.16 -17.90
N TRP B 412 -8.63 -31.15 -17.66
CA TRP B 412 -9.35 -29.90 -17.44
C TRP B 412 -9.33 -29.54 -15.96
N TYR B 413 -9.47 -30.52 -15.08
CA TYR B 413 -9.23 -30.27 -13.66
C TYR B 413 -7.74 -30.33 -13.36
N LYS B 414 -6.96 -29.71 -14.23
CA LYS B 414 -5.60 -29.31 -13.94
C LYS B 414 -5.29 -27.93 -14.50
N LEU B 415 -6.00 -27.49 -15.54
CA LEU B 415 -5.90 -26.14 -16.05
C LEU B 415 -6.71 -25.17 -15.21
N ILE B 416 -7.55 -25.68 -14.31
CA ILE B 416 -8.39 -24.88 -13.45
C ILE B 416 -7.72 -24.70 -12.08
N HIS B 417 -7.54 -25.80 -11.36
CA HIS B 417 -6.94 -25.77 -10.03
C HIS B 417 -5.43 -26.02 -10.11
N ARG B 418 -4.76 -25.24 -10.96
CA ARG B 418 -3.32 -25.42 -11.06
C ARG B 418 -2.57 -24.63 -10.00
N ASP B 419 -2.98 -23.39 -9.76
CA ASP B 419 -2.32 -22.51 -8.80
C ASP B 419 -3.24 -22.16 -7.64
N MET B 420 -3.96 -23.16 -7.13
CA MET B 420 -4.71 -22.97 -5.89
C MET B 420 -4.01 -23.56 -4.67
N GLY B 421 -3.03 -24.44 -4.87
CA GLY B 421 -2.22 -24.92 -3.78
C GLY B 421 -2.61 -26.30 -3.32
N PRO B 422 -2.27 -26.63 -2.07
CA PRO B 422 -2.60 -27.96 -1.54
C PRO B 422 -4.09 -28.11 -1.35
N VAL B 423 -4.53 -29.35 -1.20
CA VAL B 423 -5.96 -29.64 -1.12
C VAL B 423 -6.36 -29.43 0.34
N ALA B 424 -6.46 -28.16 0.70
CA ALA B 424 -7.16 -27.73 1.90
C ALA B 424 -7.87 -26.41 1.67
N ARG B 425 -7.78 -25.85 0.47
CA ARG B 425 -8.48 -24.63 0.09
C ARG B 425 -9.64 -24.90 -0.85
N TYR B 426 -9.81 -26.14 -1.30
CA TYR B 426 -10.90 -26.48 -2.20
C TYR B 426 -12.19 -26.49 -1.38
N LEU B 427 -12.77 -25.31 -1.23
CA LEU B 427 -14.02 -25.15 -0.52
C LEU B 427 -15.18 -25.60 -1.41
N GLY B 428 -16.41 -25.43 -0.95
CA GLY B 428 -17.56 -25.84 -1.71
C GLY B 428 -17.73 -27.34 -1.70
N PRO B 429 -18.97 -27.81 -1.90
CA PRO B 429 -19.25 -29.24 -1.79
C PRO B 429 -18.99 -30.04 -3.06
N LEU B 430 -18.41 -29.42 -4.09
CA LEU B 430 -18.20 -30.10 -5.36
C LEU B 430 -16.86 -30.82 -5.44
N VAL B 431 -15.93 -30.53 -4.53
CA VAL B 431 -14.56 -31.07 -4.65
C VAL B 431 -14.61 -32.59 -4.60
N PRO B 432 -13.85 -33.30 -5.42
CA PRO B 432 -13.87 -34.77 -5.37
C PRO B 432 -13.13 -35.30 -4.16
N LYS B 433 -13.50 -36.51 -3.76
CA LYS B 433 -12.83 -37.21 -2.66
C LYS B 433 -11.76 -38.15 -3.21
N GLN B 434 -10.73 -37.55 -3.80
CA GLN B 434 -9.66 -38.30 -4.42
C GLN B 434 -8.41 -37.44 -4.47
N THR B 435 -7.26 -38.07 -4.30
CA THR B 435 -5.97 -37.39 -4.31
C THR B 435 -5.28 -37.57 -5.66
N LEU B 436 -4.73 -36.49 -6.18
CA LEU B 436 -4.00 -36.49 -7.43
C LEU B 436 -2.55 -36.11 -7.17
N LEU B 437 -1.65 -36.67 -7.97
CA LEU B 437 -0.22 -36.58 -7.66
C LEU B 437 0.31 -35.17 -7.86
N TRP B 438 -0.22 -34.42 -8.83
CA TRP B 438 0.35 -33.11 -9.11
C TRP B 438 0.03 -32.08 -8.04
N GLN B 439 -0.85 -32.38 -7.08
CA GLN B 439 -1.09 -31.47 -5.97
C GLN B 439 -0.04 -31.58 -4.88
N ASP B 440 0.89 -32.53 -4.99
CA ASP B 440 1.85 -32.86 -3.95
C ASP B 440 1.09 -33.11 -2.65
N PRO B 441 0.35 -34.22 -2.56
CA PRO B 441 -0.52 -34.44 -1.41
C PRO B 441 0.27 -34.79 -0.17
N VAL B 442 -0.35 -34.55 0.98
CA VAL B 442 0.23 -34.91 2.28
C VAL B 442 -0.79 -35.76 3.02
N PRO B 443 -0.36 -36.78 3.75
CA PRO B 443 -1.33 -37.64 4.45
C PRO B 443 -2.12 -36.86 5.49
N ALA B 444 -3.36 -37.28 5.69
CA ALA B 444 -4.21 -36.66 6.69
C ALA B 444 -3.70 -36.98 8.10
N VAL B 445 -4.07 -36.12 9.04
CA VAL B 445 -3.62 -36.27 10.43
C VAL B 445 -4.30 -37.52 11.00
N SER B 446 -3.50 -38.57 11.24
CA SER B 446 -3.98 -39.80 11.82
C SER B 446 -3.48 -40.02 13.25
N HIS B 447 -2.88 -39.01 13.86
CA HIS B 447 -2.33 -39.10 15.20
C HIS B 447 -2.70 -37.86 15.99
N ASP B 448 -2.88 -38.04 17.30
CA ASP B 448 -3.16 -36.90 18.16
C ASP B 448 -1.96 -35.97 18.19
N LEU B 449 -2.23 -34.68 18.24
CA LEU B 449 -1.18 -33.67 18.15
C LEU B 449 -0.51 -33.50 19.53
N VAL B 450 0.32 -32.47 19.65
CA VAL B 450 1.04 -32.17 20.89
C VAL B 450 0.55 -30.85 21.44
N GLY B 451 0.20 -30.84 22.72
CA GLY B 451 -0.08 -29.64 23.45
C GLY B 451 1.12 -29.15 24.23
N GLU B 452 0.85 -28.26 25.19
CA GLU B 452 1.91 -27.82 26.08
C GLU B 452 2.34 -28.97 27.00
N ALA B 453 3.51 -28.82 27.60
CA ALA B 453 4.21 -29.81 28.41
C ALA B 453 4.73 -30.98 27.56
N GLU B 454 4.44 -30.99 26.26
CA GLU B 454 5.08 -31.89 25.31
C GLU B 454 5.94 -31.14 24.30
N ILE B 455 5.44 -30.01 23.80
CA ILE B 455 6.27 -29.13 22.99
C ILE B 455 7.48 -28.67 23.79
N ALA B 456 7.28 -28.39 25.09
CA ALA B 456 8.40 -28.02 25.95
C ALA B 456 9.42 -29.14 26.03
N SER B 457 8.96 -30.39 26.20
CA SER B 457 9.88 -31.51 26.26
C SER B 457 10.65 -31.66 24.95
N LEU B 458 9.96 -31.53 23.82
CA LEU B 458 10.63 -31.68 22.53
C LEU B 458 11.65 -30.57 22.30
N LYS B 459 11.29 -29.33 22.61
CA LYS B 459 12.21 -28.23 22.37
C LYS B 459 13.23 -28.06 23.48
N SER B 460 13.16 -28.89 24.52
CA SER B 460 14.30 -29.05 25.42
C SER B 460 15.23 -30.16 24.96
N GLN B 461 14.65 -31.27 24.45
CA GLN B 461 15.46 -32.36 23.93
C GLN B 461 16.29 -31.91 22.73
N ILE B 462 15.70 -31.10 21.85
CA ILE B 462 16.43 -30.60 20.69
C ILE B 462 17.65 -29.79 21.14
N ARG B 463 17.48 -28.95 22.16
CA ARG B 463 18.61 -28.23 22.71
C ARG B 463 19.63 -29.20 23.30
N ALA B 464 19.16 -30.23 23.99
CA ALA B 464 20.03 -31.09 24.79
C ALA B 464 20.70 -32.20 23.98
N SER B 465 20.85 -32.07 22.66
CA SER B 465 21.52 -33.11 21.89
C SER B 465 22.25 -32.49 20.70
N GLY B 466 23.52 -32.16 20.92
CA GLY B 466 24.45 -31.94 19.83
C GLY B 466 24.26 -30.70 18.97
N LEU B 467 23.08 -30.57 18.38
CA LEU B 467 22.87 -29.57 17.34
C LEU B 467 23.07 -28.15 17.86
N THR B 468 23.82 -27.36 17.10
CA THR B 468 24.15 -26.00 17.47
C THR B 468 22.99 -25.07 17.11
N VAL B 469 23.23 -23.77 17.14
CA VAL B 469 22.20 -22.80 16.79
C VAL B 469 22.19 -22.47 15.31
N SER B 470 23.34 -22.55 14.64
CA SER B 470 23.44 -22.24 13.22
C SER B 470 23.14 -23.43 12.34
N GLN B 471 22.87 -24.60 12.91
CA GLN B 471 22.45 -25.76 12.15
C GLN B 471 20.94 -25.85 12.03
N LEU B 472 20.24 -25.74 13.17
CA LEU B 472 18.79 -25.85 13.17
C LEU B 472 18.15 -24.71 12.39
N VAL B 473 18.64 -23.49 12.55
CA VAL B 473 18.07 -22.37 11.82
C VAL B 473 18.39 -22.45 10.33
N SER B 474 19.37 -23.26 9.96
CA SER B 474 19.65 -23.48 8.54
C SER B 474 18.80 -24.59 7.95
N THR B 475 18.28 -25.51 8.78
CA THR B 475 17.37 -26.54 8.30
C THR B 475 15.92 -26.09 8.39
N ALA B 476 15.56 -25.41 9.48
CA ALA B 476 14.20 -24.90 9.60
C ALA B 476 13.89 -23.80 8.60
N TRP B 477 14.92 -23.17 8.04
CA TRP B 477 14.72 -22.17 7.00
C TRP B 477 14.74 -22.77 5.61
N ALA B 478 15.60 -23.77 5.39
CA ALA B 478 15.66 -24.40 4.08
C ALA B 478 14.34 -25.09 3.75
N ALA B 479 13.73 -25.75 4.73
CA ALA B 479 12.47 -26.44 4.49
C ALA B 479 11.29 -25.50 4.33
N ALA B 480 11.46 -24.21 4.59
CA ALA B 480 10.38 -23.24 4.47
C ALA B 480 10.76 -22.05 3.59
N SER B 481 11.92 -22.08 2.96
CA SER B 481 12.28 -21.10 1.95
C SER B 481 11.93 -21.54 0.55
N SER B 482 11.29 -22.70 0.40
CA SER B 482 10.86 -23.22 -0.89
C SER B 482 9.36 -23.02 -1.08
N PHE B 483 8.84 -21.90 -0.61
CA PHE B 483 7.42 -21.56 -0.75
C PHE B 483 7.26 -20.47 -1.80
N ARG B 484 6.09 -20.44 -2.42
CA ARG B 484 5.74 -19.43 -3.41
C ARG B 484 4.35 -18.89 -3.08
N GLY B 485 4.26 -17.60 -2.79
CA GLY B 485 2.95 -17.03 -2.48
C GLY B 485 1.96 -17.16 -3.61
N SER B 486 2.44 -16.98 -4.84
CA SER B 486 1.65 -17.32 -6.02
C SER B 486 1.89 -18.79 -6.35
N ASP B 487 0.80 -19.50 -6.67
CA ASP B 487 0.85 -20.95 -6.84
C ASP B 487 1.36 -21.60 -5.55
N LYS B 488 0.51 -21.51 -4.52
CA LYS B 488 0.96 -21.71 -3.15
C LYS B 488 1.31 -23.16 -2.88
N ARG B 489 2.41 -23.62 -3.48
CA ARG B 489 2.90 -24.98 -3.32
C ARG B 489 4.32 -24.96 -2.77
N GLY B 490 4.62 -25.96 -1.96
CA GLY B 490 5.91 -26.02 -1.28
C GLY B 490 5.75 -25.78 0.20
N GLY B 491 6.58 -24.91 0.76
CA GLY B 491 6.43 -24.51 2.14
C GLY B 491 6.91 -25.57 3.12
N ALA B 492 6.67 -25.27 4.40
CA ALA B 492 7.17 -26.13 5.48
C ALA B 492 6.49 -27.49 5.47
N ASN B 493 5.19 -27.53 5.20
CA ASN B 493 4.43 -28.75 5.37
C ASN B 493 4.91 -29.84 4.42
N GLY B 494 4.54 -31.07 4.74
CA GLY B 494 4.93 -32.23 3.99
C GLY B 494 6.17 -32.92 4.52
N GLY B 495 7.09 -32.17 5.11
CA GLY B 495 8.32 -32.75 5.60
C GLY B 495 9.13 -33.38 4.50
N ARG B 496 9.29 -32.65 3.39
CA ARG B 496 9.94 -33.20 2.21
C ARG B 496 11.42 -32.90 2.14
N ILE B 497 11.97 -32.15 3.10
CA ILE B 497 13.40 -31.88 3.09
C ILE B 497 14.23 -33.13 3.32
N ARG B 498 13.59 -34.22 3.76
CA ARG B 498 14.27 -35.51 3.85
C ARG B 498 14.21 -36.30 2.55
N LEU B 499 13.44 -35.83 1.56
CA LEU B 499 13.18 -36.60 0.35
C LEU B 499 14.11 -36.16 -0.78
N GLN B 500 14.17 -36.98 -1.82
CA GLN B 500 15.20 -36.85 -2.85
C GLN B 500 15.19 -35.52 -3.59
N PRO B 501 14.06 -35.00 -4.08
CA PRO B 501 14.13 -33.81 -4.94
C PRO B 501 14.62 -32.56 -4.24
N GLN B 502 14.62 -32.53 -2.91
CA GLN B 502 14.91 -31.31 -2.16
C GLN B 502 16.05 -31.46 -1.17
N VAL B 503 16.39 -32.68 -0.74
CA VAL B 503 17.58 -32.86 0.08
C VAL B 503 18.84 -32.80 -0.77
N GLY B 504 18.71 -32.91 -2.09
CA GLY B 504 19.84 -32.94 -2.99
C GLY B 504 20.09 -31.66 -3.77
N TRP B 505 19.44 -30.56 -3.41
CA TRP B 505 19.69 -29.30 -4.08
C TRP B 505 21.07 -28.78 -3.72
N GLU B 506 21.42 -27.63 -4.26
CA GLU B 506 22.71 -27.03 -3.95
C GLU B 506 22.61 -26.04 -2.79
N VAL B 507 21.52 -25.29 -2.70
CA VAL B 507 21.38 -24.33 -1.62
C VAL B 507 21.29 -25.05 -0.28
N ASN B 508 20.51 -26.11 -0.20
CA ASN B 508 20.48 -26.98 0.98
C ASN B 508 21.70 -27.90 0.92
N ASP B 509 22.87 -27.28 1.07
CA ASP B 509 24.16 -27.93 0.85
C ASP B 509 24.24 -29.26 1.56
N PRO B 510 24.22 -30.38 0.83
CA PRO B 510 24.21 -31.70 1.47
C PRO B 510 25.61 -32.25 1.72
N ASP B 511 26.62 -31.40 1.64
CA ASP B 511 28.02 -31.82 1.79
C ASP B 511 28.36 -32.27 3.20
N GLY B 512 27.40 -32.37 4.13
CA GLY B 512 27.70 -32.79 5.47
C GLY B 512 26.92 -32.01 6.51
N ASP B 513 26.21 -30.99 6.05
CA ASP B 513 25.40 -30.16 6.94
C ASP B 513 24.00 -30.73 7.11
N LEU B 514 23.26 -30.88 6.00
CA LEU B 514 21.85 -31.22 6.09
C LEU B 514 21.65 -32.66 6.56
N ARG B 515 22.40 -33.60 5.98
CA ARG B 515 22.22 -34.99 6.36
C ARG B 515 22.75 -35.32 7.75
N LYS B 516 23.49 -34.40 8.38
CA LYS B 516 23.93 -34.58 9.75
C LYS B 516 22.91 -34.11 10.76
N VAL B 517 21.93 -33.29 10.34
CA VAL B 517 20.88 -32.85 11.24
C VAL B 517 19.57 -33.61 11.03
N ILE B 518 19.29 -34.08 9.82
CA ILE B 518 18.11 -34.90 9.60
C ILE B 518 18.22 -36.21 10.36
N ARG B 519 19.43 -36.76 10.46
CA ARG B 519 19.62 -38.00 11.21
C ARG B 519 19.30 -37.79 12.69
N THR B 520 19.71 -36.66 13.25
CA THR B 520 19.48 -36.43 14.67
C THR B 520 18.00 -36.15 14.96
N LEU B 521 17.35 -35.35 14.12
CA LEU B 521 15.93 -35.11 14.32
C LEU B 521 15.11 -36.38 14.13
N GLU B 522 15.49 -37.21 13.16
CA GLU B 522 14.86 -38.52 13.01
C GLU B 522 15.08 -39.36 14.26
N GLU B 523 16.28 -39.28 14.85
CA GLU B 523 16.56 -40.02 16.08
C GLU B 523 15.67 -39.56 17.22
N ILE B 524 15.47 -38.25 17.35
CA ILE B 524 14.59 -37.73 18.40
C ILE B 524 13.15 -38.16 18.15
N GLN B 525 12.75 -38.20 16.88
CA GLN B 525 11.37 -38.56 16.55
C GLN B 525 11.02 -39.96 17.04
N GLU B 526 11.92 -40.92 16.86
CA GLU B 526 11.62 -42.29 17.30
C GLU B 526 11.57 -42.40 18.82
N SER B 527 12.40 -41.63 19.53
CA SER B 527 12.43 -41.71 20.98
C SER B 527 11.16 -41.11 21.58
N PHE B 528 10.63 -40.04 20.98
CA PHE B 528 9.38 -39.46 21.44
C PHE B 528 8.17 -40.22 20.94
N ASN B 529 8.33 -41.07 19.92
CA ASN B 529 7.23 -41.87 19.40
C ASN B 529 7.07 -43.19 20.14
N SER B 530 7.95 -43.49 21.08
CA SER B 530 7.83 -44.67 21.94
C SER B 530 7.81 -44.21 23.38
N ALA B 531 6.88 -44.77 24.16
CA ALA B 531 6.62 -44.34 25.54
C ALA B 531 6.30 -42.84 25.58
N ALA B 532 5.52 -42.39 24.61
CA ALA B 532 5.08 -41.01 24.59
C ALA B 532 4.14 -40.73 25.76
N PRO B 533 3.96 -39.45 26.13
CA PRO B 533 3.08 -39.13 27.26
C PRO B 533 1.62 -39.52 27.06
N GLY B 534 1.29 -40.10 25.90
CA GLY B 534 -0.06 -40.59 25.66
C GLY B 534 -0.20 -41.27 24.32
N ASN B 535 -1.37 -41.14 23.69
CA ASN B 535 -1.59 -41.64 22.34
C ASN B 535 -1.24 -40.53 21.35
N ILE B 536 0.01 -40.07 21.43
CA ILE B 536 0.48 -38.91 20.71
C ILE B 536 1.74 -39.29 19.94
N LYS B 537 1.80 -38.92 18.67
CA LYS B 537 2.98 -39.09 17.84
C LYS B 537 3.28 -37.77 17.15
N VAL B 538 4.53 -37.61 16.73
CA VAL B 538 4.99 -36.37 16.12
C VAL B 538 5.53 -36.67 14.74
N SER B 539 5.01 -35.97 13.73
CA SER B 539 5.50 -36.10 12.37
C SER B 539 6.77 -35.27 12.18
N PHE B 540 7.68 -35.79 11.35
CA PHE B 540 8.96 -35.13 11.16
C PHE B 540 8.82 -33.72 10.60
N ALA B 541 7.71 -33.41 9.94
CA ALA B 541 7.53 -32.04 9.46
C ALA B 541 7.39 -31.03 10.58
N ASP B 542 7.41 -31.46 11.83
CA ASP B 542 7.44 -30.57 12.99
C ASP B 542 8.86 -30.36 13.50
N LEU B 543 9.60 -31.43 13.76
CA LEU B 543 10.97 -31.28 14.24
C LEU B 543 11.85 -30.52 13.27
N VAL B 544 11.48 -30.48 12.00
CA VAL B 544 12.24 -29.66 11.06
C VAL B 544 11.93 -28.19 11.26
N VAL B 545 10.83 -27.86 11.94
CA VAL B 545 10.46 -26.49 12.26
C VAL B 545 10.53 -26.23 13.76
N LEU B 546 10.04 -27.16 14.57
CA LEU B 546 10.17 -27.02 16.02
C LEU B 546 11.62 -26.95 16.44
N GLY B 547 12.53 -27.49 15.63
CA GLY B 547 13.94 -27.24 15.85
C GLY B 547 14.30 -25.79 15.69
N GLY B 548 13.72 -25.13 14.68
CA GLY B 548 14.02 -23.73 14.44
C GLY B 548 13.58 -22.83 15.58
N CYS B 549 12.38 -23.06 16.10
CA CYS B 549 11.89 -22.24 17.21
C CYS B 549 12.73 -22.44 18.46
N ALA B 550 13.14 -23.69 18.73
CA ALA B 550 14.04 -23.92 19.86
C ALA B 550 15.42 -23.34 19.60
N ALA B 551 15.85 -23.28 18.34
CA ALA B 551 17.13 -22.67 18.02
C ALA B 551 17.11 -21.17 18.30
N ILE B 552 16.05 -20.48 17.84
CA ILE B 552 15.93 -19.06 18.12
C ILE B 552 15.78 -18.81 19.61
N GLU B 553 14.96 -19.61 20.30
CA GLU B 553 14.80 -19.46 21.73
C GLU B 553 16.08 -19.78 22.50
N LYS B 554 17.01 -20.53 21.90
CA LYS B 554 18.31 -20.70 22.53
C LYS B 554 19.24 -19.52 22.26
N ALA B 555 19.06 -18.82 21.15
CA ALA B 555 19.92 -17.70 20.83
C ALA B 555 19.43 -16.41 21.48
N ALA B 556 18.14 -16.10 21.33
CA ALA B 556 17.61 -14.88 21.92
C ALA B 556 17.76 -14.88 23.44
N LYS B 557 17.47 -16.02 24.08
CA LYS B 557 17.65 -16.13 25.52
C LYS B 557 19.11 -15.98 25.92
N ALA B 558 20.05 -16.14 24.99
CA ALA B 558 21.46 -15.98 25.29
C ALA B 558 22.01 -14.61 24.92
N ALA B 559 21.30 -13.84 24.10
CA ALA B 559 21.82 -12.52 23.73
C ALA B 559 21.50 -11.49 24.80
N GLY B 560 20.22 -11.17 25.00
CA GLY B 560 19.86 -10.27 26.07
C GLY B 560 18.71 -10.67 26.97
N HIS B 561 17.83 -11.55 26.50
CA HIS B 561 16.55 -11.72 27.17
C HIS B 561 15.79 -12.88 26.55
N ASN B 562 15.00 -13.55 27.38
CA ASN B 562 14.26 -14.73 26.95
C ASN B 562 12.90 -14.37 26.38
N ILE B 563 12.41 -15.21 25.48
CA ILE B 563 11.10 -15.07 24.85
C ILE B 563 10.53 -16.46 24.61
N THR B 564 9.32 -16.51 24.05
CA THR B 564 8.75 -17.77 23.58
C THR B 564 8.27 -17.57 22.14
N VAL B 565 8.62 -18.51 21.28
CA VAL B 565 8.31 -18.43 19.85
C VAL B 565 7.03 -19.21 19.60
N PRO B 566 6.03 -18.62 18.95
CA PRO B 566 4.80 -19.36 18.66
C PRO B 566 5.07 -20.53 17.75
N PHE B 567 4.37 -21.64 18.00
CA PHE B 567 4.51 -22.84 17.19
C PHE B 567 3.20 -23.59 17.21
N THR B 568 2.56 -23.69 16.05
CA THR B 568 1.27 -24.35 15.93
C THR B 568 1.43 -25.71 15.29
N PRO B 569 1.27 -26.81 16.01
CA PRO B 569 1.44 -28.14 15.41
C PRO B 569 0.38 -28.44 14.37
N GLY B 570 0.49 -29.59 13.72
CA GLY B 570 -0.47 -29.96 12.71
C GLY B 570 0.12 -30.11 11.32
N ARG B 571 1.38 -30.53 11.25
CA ARG B 571 2.05 -30.82 9.99
C ARG B 571 2.26 -32.32 9.86
N THR B 572 2.19 -32.81 8.64
CA THR B 572 2.31 -34.24 8.36
C THR B 572 3.46 -34.48 7.38
N ASP B 573 4.02 -35.68 7.44
CA ASP B 573 5.14 -36.07 6.60
C ASP B 573 4.67 -36.89 5.41
N ALA B 574 5.07 -36.48 4.22
CA ALA B 574 4.69 -37.14 2.98
C ALA B 574 5.80 -38.09 2.55
N SER B 575 5.43 -39.32 2.19
CA SER B 575 6.41 -40.33 1.85
C SER B 575 7.07 -40.01 0.51
N GLN B 576 7.96 -40.91 0.08
CA GLN B 576 8.74 -40.66 -1.13
C GLN B 576 7.89 -40.84 -2.38
N GLU B 577 7.01 -41.85 -2.39
CA GLU B 577 6.23 -42.14 -3.59
C GLU B 577 5.26 -41.02 -3.94
N GLN B 578 4.92 -40.15 -2.99
CA GLN B 578 3.94 -39.10 -3.23
C GLN B 578 4.57 -37.82 -3.77
N THR B 579 5.89 -37.72 -3.80
CA THR B 579 6.54 -36.54 -4.38
C THR B 579 6.76 -36.74 -5.87
N ASP B 580 7.14 -35.66 -6.54
CA ASP B 580 7.36 -35.67 -7.99
C ASP B 580 8.66 -34.93 -8.27
N VAL B 581 9.76 -35.68 -8.41
CA VAL B 581 11.08 -35.09 -8.58
C VAL B 581 11.22 -34.31 -9.87
N GLU B 582 10.20 -34.30 -10.73
CA GLU B 582 10.25 -33.54 -11.97
C GLU B 582 9.60 -32.17 -11.84
N SER B 583 8.62 -32.03 -10.94
CA SER B 583 7.95 -30.75 -10.75
C SER B 583 8.56 -29.91 -9.64
N PHE B 584 9.49 -30.45 -8.87
CA PHE B 584 10.23 -29.64 -7.90
C PHE B 584 11.54 -29.09 -8.43
N ALA B 585 11.95 -29.47 -9.65
CA ALA B 585 13.11 -28.82 -10.24
C ALA B 585 12.88 -27.34 -10.47
N VAL B 586 11.62 -26.90 -10.50
CA VAL B 586 11.31 -25.48 -10.66
C VAL B 586 11.26 -24.72 -9.35
N LEU B 587 11.07 -25.41 -8.22
CA LEU B 587 11.11 -24.74 -6.93
C LEU B 587 12.53 -24.42 -6.47
N GLU B 588 13.54 -25.06 -7.07
CA GLU B 588 14.90 -24.85 -6.62
C GLU B 588 15.29 -23.39 -6.82
N PRO B 589 15.71 -22.69 -5.78
CA PRO B 589 16.07 -21.28 -5.95
C PRO B 589 17.39 -21.12 -6.67
N LYS B 590 17.34 -20.57 -7.89
CA LYS B 590 18.57 -20.29 -8.61
C LYS B 590 19.47 -19.31 -7.86
N ALA B 591 18.87 -18.47 -7.01
CA ALA B 591 19.65 -17.58 -6.15
C ALA B 591 18.78 -17.20 -4.96
N ASP B 592 19.22 -17.56 -3.76
CA ASP B 592 18.53 -17.22 -2.52
C ASP B 592 19.30 -16.11 -1.84
N GLY B 593 18.63 -15.00 -1.57
CA GLY B 593 19.29 -13.84 -0.99
C GLY B 593 19.42 -13.87 0.51
N PHE B 594 18.55 -14.62 1.20
CA PHE B 594 18.61 -14.66 2.65
C PHE B 594 19.79 -15.49 3.13
N ARG B 595 20.04 -16.63 2.50
CA ARG B 595 21.15 -17.49 2.84
C ARG B 595 22.44 -17.11 2.11
N ASN B 596 22.45 -15.94 1.46
CA ASN B 596 23.63 -15.43 0.75
C ASN B 596 24.10 -16.41 -0.33
N TYR B 597 23.14 -17.08 -0.95
CA TYR B 597 23.43 -17.98 -2.06
C TYR B 597 23.36 -17.20 -3.37
N LEU B 598 24.31 -17.47 -4.27
CA LEU B 598 24.33 -16.85 -5.59
C LEU B 598 24.82 -17.90 -6.59
N GLY B 599 23.87 -18.60 -7.21
CA GLY B 599 24.20 -19.62 -8.18
C GLY B 599 24.44 -19.06 -9.56
N LYS B 600 25.08 -19.88 -10.39
CA LYS B 600 25.38 -19.47 -11.76
C LYS B 600 24.10 -19.31 -12.56
N GLY B 601 24.18 -18.48 -13.60
CA GLY B 601 23.02 -18.19 -14.42
C GLY B 601 22.05 -17.25 -13.74
N ASN B 602 22.48 -16.02 -13.51
CA ASN B 602 21.66 -15.03 -12.83
C ASN B 602 21.21 -13.95 -13.82
N PRO B 603 19.94 -13.94 -14.22
CA PRO B 603 19.45 -12.87 -15.11
C PRO B 603 19.61 -11.48 -14.52
N LEU B 604 19.01 -11.25 -13.36
CA LEU B 604 19.04 -9.97 -12.68
C LEU B 604 20.24 -9.91 -11.73
N PRO B 605 20.62 -8.71 -11.27
CA PRO B 605 21.71 -8.61 -10.30
C PRO B 605 21.36 -9.28 -8.97
N ALA B 606 22.30 -9.25 -8.03
CA ALA B 606 22.19 -10.07 -6.82
C ALA B 606 21.17 -9.54 -5.82
N GLU B 607 20.69 -8.30 -5.96
CA GLU B 607 19.72 -7.78 -5.00
C GLU B 607 18.29 -7.78 -5.53
N TYR B 608 18.10 -7.65 -6.83
CA TYR B 608 16.75 -7.77 -7.37
C TYR B 608 16.19 -9.17 -7.15
N MET B 609 17.05 -10.18 -7.09
CA MET B 609 16.57 -11.53 -6.79
C MET B 609 16.15 -11.67 -5.33
N LEU B 610 16.88 -11.02 -4.41
CA LEU B 610 16.40 -10.99 -3.02
C LEU B 610 15.06 -10.29 -2.93
N LEU B 611 14.91 -9.17 -3.64
CA LEU B 611 13.63 -8.46 -3.63
C LEU B 611 12.52 -9.32 -4.20
N ASP B 612 12.79 -10.04 -5.29
CA ASP B 612 11.78 -10.89 -5.90
C ASP B 612 11.41 -12.05 -4.99
N LYS B 613 12.41 -12.71 -4.39
CA LYS B 613 12.12 -13.82 -3.49
C LYS B 613 11.30 -13.36 -2.29
N ALA B 614 11.63 -12.21 -1.73
CA ALA B 614 10.86 -11.70 -0.60
C ALA B 614 9.44 -11.32 -1.02
N ASN B 615 9.17 -11.26 -2.32
CA ASN B 615 7.80 -11.10 -2.79
C ASN B 615 7.09 -12.44 -2.89
N LEU B 616 7.82 -13.49 -3.28
CA LEU B 616 7.21 -14.81 -3.36
C LEU B 616 6.77 -15.30 -2.00
N LEU B 617 7.57 -15.06 -0.97
CA LEU B 617 7.19 -15.44 0.39
C LEU B 617 6.13 -14.52 0.97
N THR B 618 5.62 -13.57 0.18
CA THR B 618 4.61 -12.61 0.63
C THR B 618 5.08 -11.86 1.87
N LEU B 619 6.30 -11.34 1.80
CA LEU B 619 6.87 -10.55 2.88
C LEU B 619 6.75 -9.07 2.59
N SER B 620 6.98 -8.26 3.62
CA SER B 620 6.97 -6.81 3.51
C SER B 620 8.34 -6.27 3.89
N ALA B 621 8.57 -5.01 3.53
CA ALA B 621 9.91 -4.43 3.69
C ALA B 621 10.44 -4.49 5.11
N PRO B 622 9.68 -4.10 6.15
CA PRO B 622 10.21 -4.28 7.52
C PRO B 622 10.50 -5.73 7.84
N GLU B 623 9.65 -6.64 7.38
CA GLU B 623 9.88 -8.06 7.64
C GLU B 623 11.09 -8.56 6.89
N MET B 624 11.27 -8.14 5.63
CA MET B 624 12.50 -8.45 4.91
C MET B 624 13.72 -8.02 5.71
N THR B 625 13.74 -6.76 6.15
CA THR B 625 14.93 -6.23 6.78
C THR B 625 15.24 -6.96 8.09
N VAL B 626 14.22 -7.16 8.92
CA VAL B 626 14.45 -7.81 10.22
C VAL B 626 14.85 -9.26 10.01
N LEU B 627 14.25 -9.93 9.04
CA LEU B 627 14.58 -11.33 8.79
C LEU B 627 16.00 -11.48 8.27
N VAL B 628 16.41 -10.57 7.38
CA VAL B 628 17.79 -10.61 6.88
C VAL B 628 18.77 -10.40 8.02
N GLY B 629 18.50 -9.41 8.87
CA GLY B 629 19.39 -9.17 9.99
C GLY B 629 19.48 -10.35 10.92
N GLY B 630 18.34 -10.95 11.24
CA GLY B 630 18.34 -12.10 12.13
C GLY B 630 19.08 -13.28 11.54
N LEU B 631 18.88 -13.55 10.25
CA LEU B 631 19.57 -14.67 9.62
C LEU B 631 21.08 -14.44 9.59
N ARG B 632 21.52 -13.21 9.29
CA ARG B 632 22.95 -12.95 9.24
C ARG B 632 23.59 -13.07 10.62
N VAL B 633 22.96 -12.49 11.64
CA VAL B 633 23.58 -12.53 12.97
C VAL B 633 23.53 -13.94 13.55
N LEU B 634 22.41 -14.65 13.37
CA LEU B 634 22.30 -16.00 13.91
C LEU B 634 23.34 -16.92 13.29
N GLY B 635 23.49 -16.84 11.98
CA GLY B 635 24.36 -17.73 11.23
C GLY B 635 23.52 -18.66 10.39
N ALA B 636 23.29 -18.28 9.15
CA ALA B 636 22.57 -19.15 8.22
C ALA B 636 23.16 -19.07 6.83
N ASN B 637 24.30 -18.42 6.64
CA ASN B 637 24.84 -18.20 5.31
C ASN B 637 25.22 -19.52 4.66
N TYR B 638 25.03 -19.60 3.35
CA TYR B 638 25.40 -20.77 2.57
C TYR B 638 26.88 -21.11 2.80
N LYS B 639 27.11 -22.30 3.35
CA LYS B 639 28.45 -22.82 3.64
C LYS B 639 29.17 -22.02 4.73
N ARG B 640 28.42 -21.33 5.59
CA ARG B 640 28.98 -20.57 6.71
C ARG B 640 30.04 -19.57 6.25
N LEU B 641 29.78 -18.91 5.14
CA LEU B 641 30.66 -17.83 4.71
C LEU B 641 30.60 -16.69 5.72
N PRO B 642 31.73 -16.12 6.11
CA PRO B 642 31.70 -14.94 7.00
C PRO B 642 31.37 -13.67 6.25
N LEU B 643 30.38 -13.73 5.37
CA LEU B 643 29.93 -12.59 4.59
C LEU B 643 28.66 -12.03 5.23
N GLY B 644 28.68 -10.75 5.58
CA GLY B 644 27.55 -10.16 6.25
C GLY B 644 27.36 -10.75 7.64
N VAL B 645 28.46 -10.88 8.37
CA VAL B 645 28.46 -11.49 9.70
C VAL B 645 28.83 -10.39 10.69
N PHE B 646 28.37 -9.17 10.39
CA PHE B 646 28.83 -7.93 11.03
C PHE B 646 28.84 -7.97 12.56
N THR B 647 28.19 -8.97 13.16
CA THR B 647 28.32 -9.16 14.60
C THR B 647 29.75 -9.61 14.92
N GLU B 648 30.02 -9.79 16.21
CA GLU B 648 31.31 -10.29 16.66
C GLU B 648 31.21 -11.65 17.32
N ALA B 649 30.22 -11.84 18.20
CA ALA B 649 29.99 -13.13 18.84
C ALA B 649 28.91 -13.87 18.06
N SER B 650 29.23 -15.05 17.56
CA SER B 650 28.27 -15.83 16.80
C SER B 650 27.29 -16.54 17.74
N GLU B 651 26.17 -16.99 17.15
CA GLU B 651 25.10 -17.66 17.88
C GLU B 651 24.55 -16.77 18.99
N SER B 652 24.00 -15.62 18.59
CA SER B 652 23.38 -14.70 19.52
C SER B 652 22.48 -13.76 18.73
N LEU B 653 21.21 -13.68 19.11
CA LEU B 653 20.23 -12.89 18.39
C LEU B 653 20.29 -11.44 18.88
N THR B 654 21.28 -10.71 18.38
CA THR B 654 21.39 -9.28 18.59
C THR B 654 20.98 -8.55 17.31
N ASN B 655 20.99 -7.22 17.38
CA ASN B 655 20.77 -6.39 16.20
C ASN B 655 22.08 -5.82 15.68
N ASP B 656 23.19 -6.53 15.90
CA ASP B 656 24.49 -6.02 15.53
C ASP B 656 24.68 -5.90 14.03
N PHE B 657 23.87 -6.58 13.23
CA PHE B 657 23.94 -6.37 11.78
C PHE B 657 23.47 -4.98 11.41
N PHE B 658 22.49 -4.43 12.12
CA PHE B 658 21.98 -3.11 11.82
C PHE B 658 22.76 -2.00 12.50
N VAL B 659 23.66 -2.32 13.42
CA VAL B 659 24.45 -1.33 14.12
C VAL B 659 25.82 -1.13 13.49
N ASN B 660 26.47 -2.23 13.11
CA ASN B 660 27.78 -2.13 12.47
C ASN B 660 27.68 -1.79 10.99
N LEU B 661 26.49 -1.93 10.39
CA LEU B 661 26.33 -1.54 9.00
C LEU B 661 26.28 -0.02 8.87
N LEU B 662 25.66 0.66 9.84
CA LEU B 662 25.43 2.10 9.74
C LEU B 662 26.60 2.93 10.25
N ASP B 663 27.41 2.39 11.16
CA ASP B 663 28.56 3.12 11.66
C ASP B 663 29.46 3.52 10.50
N MET B 664 29.60 4.83 10.30
CA MET B 664 30.29 5.37 9.14
C MET B 664 31.80 5.47 9.32
N GLY B 665 32.32 5.06 10.47
CA GLY B 665 33.76 5.02 10.66
C GLY B 665 34.46 4.03 9.75
N ILE B 666 33.73 3.06 9.23
CA ILE B 666 34.28 2.06 8.31
C ILE B 666 34.03 2.52 6.88
N THR B 667 34.86 2.03 5.96
CA THR B 667 34.79 2.41 4.55
C THR B 667 34.57 1.17 3.70
N TRP B 668 33.75 1.33 2.67
CA TRP B 668 33.31 0.21 1.83
C TRP B 668 34.06 0.26 0.51
N GLU B 669 35.15 -0.50 0.42
CA GLU B 669 36.00 -0.50 -0.78
C GLU B 669 35.96 -1.85 -1.47
N PRO B 670 35.26 -1.97 -2.61
CA PRO B 670 35.33 -3.22 -3.38
C PRO B 670 36.70 -3.50 -3.96
N SER B 671 37.57 -2.49 -4.05
CA SER B 671 38.80 -2.61 -4.84
C SER B 671 39.72 -3.74 -4.36
N PRO B 672 40.02 -3.90 -3.07
CA PRO B 672 40.91 -5.02 -2.68
C PRO B 672 40.35 -6.39 -3.03
N ALA B 673 39.03 -6.53 -3.11
CA ALA B 673 38.43 -7.81 -3.42
C ALA B 673 38.57 -8.12 -4.92
N ASP B 674 38.13 -9.31 -5.31
CA ASP B 674 38.14 -9.75 -6.71
C ASP B 674 36.74 -9.95 -7.25
N ASP B 675 35.93 -10.77 -6.60
CA ASP B 675 34.60 -11.10 -7.08
C ASP B 675 33.60 -10.06 -6.59
N GLY B 676 32.31 -10.35 -6.75
CA GLY B 676 31.27 -9.44 -6.32
C GLY B 676 31.09 -9.39 -4.82
N THR B 677 32.16 -9.14 -4.10
CA THR B 677 32.13 -8.99 -2.66
C THR B 677 32.88 -7.72 -2.27
N TYR B 678 32.44 -7.10 -1.18
CA TYR B 678 33.05 -5.88 -0.70
C TYR B 678 33.92 -6.17 0.51
N GLN B 679 34.46 -5.12 1.10
CA GLN B 679 35.36 -5.29 2.25
C GLN B 679 35.41 -3.99 3.02
N GLY B 680 35.04 -4.03 4.30
CA GLY B 680 35.01 -2.82 5.10
C GLY B 680 36.30 -2.52 5.81
N LYS B 681 37.11 -1.64 5.24
CA LYS B 681 38.34 -1.23 5.90
C LYS B 681 38.02 -0.34 7.09
N ASP B 682 38.64 -0.63 8.23
CA ASP B 682 38.48 0.21 9.39
C ASP B 682 39.16 1.56 9.16
N GLY B 683 38.85 2.52 10.01
CA GLY B 683 39.48 3.83 9.92
C GLY B 683 40.98 3.80 10.03
N SER B 684 41.53 2.77 10.68
CA SER B 684 42.97 2.60 10.81
C SER B 684 43.59 1.83 9.66
N GLY B 685 42.80 1.41 8.67
CA GLY B 685 43.29 0.73 7.50
C GLY B 685 43.17 -0.78 7.55
N LYS B 686 43.02 -1.37 8.74
CA LYS B 686 42.92 -2.81 8.86
C LYS B 686 41.53 -3.29 8.46
N VAL B 687 41.49 -4.40 7.72
CA VAL B 687 40.23 -5.01 7.35
C VAL B 687 39.51 -5.52 8.59
N LYS B 688 38.21 -5.25 8.67
CA LYS B 688 37.44 -5.65 9.84
C LYS B 688 36.20 -6.46 9.48
N TRP B 689 35.57 -6.14 8.34
CA TRP B 689 34.33 -6.80 7.99
C TRP B 689 34.38 -7.39 6.58
N THR B 690 33.25 -7.88 6.10
CA THR B 690 33.10 -8.34 4.73
C THR B 690 31.65 -8.17 4.35
N GLY B 691 31.38 -8.09 3.05
CA GLY B 691 30.03 -7.86 2.61
C GLY B 691 29.70 -8.49 1.27
N SER B 692 28.53 -8.14 0.74
CA SER B 692 28.11 -8.64 -0.57
C SER B 692 27.02 -7.70 -1.08
N ARG B 693 26.68 -7.88 -2.36
CA ARG B 693 25.67 -7.01 -2.97
C ARG B 693 24.33 -7.10 -2.27
N VAL B 694 24.07 -8.19 -1.54
CA VAL B 694 22.79 -8.36 -0.88
C VAL B 694 22.75 -7.64 0.46
N ASP B 695 23.91 -7.42 1.08
CA ASP B 695 23.98 -6.80 2.40
C ASP B 695 24.21 -5.29 2.33
N LEU B 696 25.12 -4.84 1.47
CA LEU B 696 25.39 -3.40 1.37
C LEU B 696 24.22 -2.63 0.78
N VAL B 697 23.27 -3.31 0.12
CA VAL B 697 22.13 -2.60 -0.42
C VAL B 697 21.26 -2.04 0.70
N PHE B 698 21.26 -2.68 1.87
CA PHE B 698 20.51 -2.16 3.00
C PHE B 698 21.13 -0.88 3.57
N GLY B 699 22.37 -0.59 3.23
CA GLY B 699 23.03 0.61 3.73
C GLY B 699 23.43 1.55 2.62
N SER B 700 22.86 1.34 1.43
CA SER B 700 23.12 2.22 0.30
C SER B 700 21.87 2.57 -0.50
N ASN B 701 20.69 2.19 -0.03
CA ASN B 701 19.43 2.53 -0.69
C ASN B 701 18.59 3.31 0.31
N SER B 702 18.34 4.58 0.00
CA SER B 702 17.69 5.47 0.97
C SER B 702 16.28 5.02 1.32
N GLU B 703 15.67 4.16 0.52
CA GLU B 703 14.38 3.61 0.87
C GLU B 703 14.50 2.53 1.94
N LEU B 704 15.61 1.80 1.95
CA LEU B 704 15.84 0.74 2.92
C LEU B 704 16.74 1.16 4.08
N ARG B 705 17.63 2.13 3.86
CA ARG B 705 18.44 2.63 4.97
C ARG B 705 17.57 3.32 6.01
N ALA B 706 16.39 3.80 5.62
CA ALA B 706 15.44 4.32 6.59
C ALA B 706 14.70 3.22 7.33
N LEU B 707 14.88 1.96 6.93
CA LEU B 707 14.25 0.83 7.59
C LEU B 707 15.23 0.01 8.42
N VAL B 708 16.50 0.41 8.48
CA VAL B 708 17.44 -0.17 9.41
C VAL B 708 17.72 0.77 10.58
N GLU B 709 17.42 2.06 10.45
CA GLU B 709 17.58 2.97 11.58
C GLU B 709 16.51 2.76 12.62
N VAL B 710 15.39 2.13 12.26
CA VAL B 710 14.37 1.79 13.24
C VAL B 710 14.87 0.67 14.15
N TYR B 711 15.53 -0.33 13.58
CA TYR B 711 16.09 -1.43 14.35
C TYR B 711 17.50 -1.18 14.82
N GLY B 712 18.18 -0.18 14.25
CA GLY B 712 19.55 0.14 14.60
C GLY B 712 19.72 1.17 15.69
N ALA B 713 18.64 1.55 16.37
CA ALA B 713 18.72 2.58 17.39
C ALA B 713 19.33 1.99 18.67
N ASP B 714 19.29 2.74 19.76
CA ASP B 714 19.86 2.28 21.01
C ASP B 714 18.82 1.56 21.87
N ASP B 715 17.62 2.11 21.98
CA ASP B 715 16.57 1.52 22.79
C ASP B 715 15.61 0.67 21.95
N ALA B 716 16.04 0.23 20.77
CA ALA B 716 15.23 -0.60 19.89
C ALA B 716 15.83 -2.00 19.75
N GLN B 717 16.37 -2.52 20.85
CA GLN B 717 16.79 -3.91 20.90
C GLN B 717 15.60 -4.84 21.09
N PRO B 718 14.74 -4.63 22.11
CA PRO B 718 13.58 -5.53 22.25
C PRO B 718 12.65 -5.49 21.05
N LYS B 719 12.47 -4.33 20.44
CA LYS B 719 11.60 -4.24 19.27
C LYS B 719 12.10 -5.12 18.14
N PHE B 720 13.41 -5.11 17.90
CA PHE B 720 13.96 -5.96 16.85
C PHE B 720 13.72 -7.43 17.14
N VAL B 721 13.91 -7.86 18.39
CA VAL B 721 13.73 -9.27 18.73
C VAL B 721 12.27 -9.67 18.53
N GLN B 722 11.33 -8.85 19.01
CA GLN B 722 9.92 -9.19 18.83
C GLN B 722 9.53 -9.21 17.36
N ASP B 723 10.05 -8.25 16.58
CA ASP B 723 9.70 -8.22 15.16
C ASP B 723 10.32 -9.41 14.43
N PHE B 724 11.52 -9.83 14.82
CA PHE B 724 12.11 -10.99 14.19
C PHE B 724 11.32 -12.26 14.50
N VAL B 725 10.88 -12.41 15.74
CA VAL B 725 10.10 -13.60 16.07
C VAL B 725 8.76 -13.57 15.35
N ALA B 726 8.15 -12.39 15.21
CA ALA B 726 6.91 -12.30 14.45
C ALA B 726 7.11 -12.68 12.99
N ALA B 727 8.20 -12.18 12.38
CA ALA B 727 8.47 -12.51 10.98
C ALA B 727 8.78 -13.99 10.81
N TRP B 728 9.55 -14.57 11.74
CA TRP B 728 9.85 -15.99 11.68
C TRP B 728 8.59 -16.83 11.80
N ASP B 729 7.70 -16.47 12.73
CA ASP B 729 6.45 -17.20 12.88
C ASP B 729 5.58 -17.06 11.64
N LYS B 730 5.57 -15.88 11.02
CA LYS B 730 4.81 -15.71 9.79
C LYS B 730 5.37 -16.58 8.67
N VAL B 731 6.70 -16.66 8.56
CA VAL B 731 7.29 -17.42 7.47
C VAL B 731 7.09 -18.92 7.68
N MET B 732 7.26 -19.41 8.91
CA MET B 732 7.00 -20.82 9.17
C MET B 732 5.55 -21.23 8.90
N ASN B 733 4.61 -20.29 8.96
CA ASN B 733 3.19 -20.60 8.83
C ASN B 733 2.63 -20.10 7.50
N LEU B 734 3.42 -20.20 6.44
CA LEU B 734 2.95 -19.85 5.10
C LEU B 734 2.20 -20.98 4.42
N ASP B 735 2.28 -22.21 4.94
CA ASP B 735 1.60 -23.36 4.36
C ASP B 735 0.85 -24.09 5.46
N ARG B 736 0.08 -23.33 6.23
CA ARG B 736 -0.84 -23.87 7.22
C ARG B 736 -2.23 -23.35 6.87
N PHE B 737 -2.90 -24.06 5.97
CA PHE B 737 -4.24 -23.68 5.55
C PHE B 737 -5.33 -24.39 6.33
N ASP B 738 -5.01 -25.51 6.99
CA ASP B 738 -5.99 -26.16 7.85
C ASP B 738 -6.38 -25.27 9.02
N VAL B 739 -5.41 -24.57 9.60
CA VAL B 739 -5.69 -23.64 10.69
C VAL B 739 -5.76 -22.22 10.15
#